data_4XVO
#
_entry.id   4XVO
#
_cell.length_a   92.390
_cell.length_b   160.047
_cell.length_c   209.912
_cell.angle_alpha   90.000
_cell.angle_beta   90.000
_cell.angle_gamma   90.000
#
_symmetry.space_group_name_H-M   'C 2 2 21'
#
loop_
_entity.id
_entity.type
_entity.pdbx_description
1 polymer L,D-transpeptidase
2 non-polymer 'PHOSPHATE ION'
3 water water
#
_entity_poly.entity_id   1
_entity_poly.type   'polypeptide(L)'
_entity_poly.pdbx_seq_one_letter_code
;SNAAVSTPVEVAQVEPAAGAVVGVAHPVTVRFAEPVTDRRSAERSLRIASTDTSAGRFRWPEAAV(MSE)EWTPDEFWPA
HSTISLSVGGVKTSFNTGAEVLGVADIDAHTFTVSVDGEVLRK(MSE)PAS(MSE)GKPKFPTPRGTFTALAKEPVVV
(MSE)DSRTIGIPLSDPEGYKLTVNHAVRVTWGGVYVHSAPWSVGSQGYANVSHGCINLSPDNAAWYYD(MSE)VSVGDP
IIVQA
;
_entity_poly.pdbx_strand_id   A,B,C
#
loop_
_chem_comp.id
_chem_comp.type
_chem_comp.name
_chem_comp.formula
PO4 non-polymer 'PHOSPHATE ION' 'O4 P -3'
#
# COMPACT_ATOMS: atom_id res chain seq x y z
N THR A 7 14.31 21.35 -50.89
CA THR A 7 13.29 22.27 -50.38
C THR A 7 12.45 21.60 -49.29
N PRO A 8 12.42 22.22 -48.09
CA PRO A 8 11.69 21.67 -46.95
C PRO A 8 10.18 21.79 -47.14
N VAL A 9 9.41 21.10 -46.30
CA VAL A 9 7.95 21.12 -46.41
C VAL A 9 7.30 21.29 -45.03
N GLU A 10 6.20 22.03 -44.99
CA GLU A 10 5.51 22.32 -43.73
C GLU A 10 4.46 21.26 -43.38
N VAL A 11 4.27 21.05 -42.08
CA VAL A 11 3.24 20.14 -41.58
C VAL A 11 1.92 20.89 -41.44
N ALA A 12 0.92 20.50 -42.22
CA ALA A 12 -0.38 21.16 -42.19
C ALA A 12 -1.26 20.67 -41.05
N GLN A 13 -1.52 19.36 -41.02
CA GLN A 13 -2.48 18.78 -40.09
C GLN A 13 -2.02 17.44 -39.55
N VAL A 14 -2.35 17.14 -38.29
CA VAL A 14 -2.01 15.86 -37.69
C VAL A 14 -3.25 15.19 -37.11
N GLU A 15 -3.41 13.90 -37.39
CA GLU A 15 -4.47 13.10 -36.78
C GLU A 15 -3.89 11.94 -35.98
N PRO A 16 -4.46 11.64 -34.81
CA PRO A 16 -5.61 12.30 -34.19
C PRO A 16 -5.33 13.73 -33.73
N ALA A 17 -6.32 14.60 -33.85
CA ALA A 17 -6.20 16.00 -33.46
C ALA A 17 -5.77 16.13 -32.01
N ALA A 18 -5.19 17.28 -31.67
CA ALA A 18 -4.76 17.54 -30.29
C ALA A 18 -5.94 17.48 -29.34
N GLY A 19 -5.85 16.61 -28.34
CA GLY A 19 -6.89 16.47 -27.34
C GLY A 19 -7.99 15.49 -27.71
N ALA A 20 -7.80 14.77 -28.81
CA ALA A 20 -8.77 13.76 -29.23
C ALA A 20 -8.62 12.48 -28.41
N VAL A 21 -9.67 11.67 -28.39
CA VAL A 21 -9.63 10.38 -27.69
C VAL A 21 -9.99 9.26 -28.67
N VAL A 22 -9.04 8.37 -28.92
CA VAL A 22 -9.20 7.37 -29.98
C VAL A 22 -8.93 5.94 -29.49
N GLY A 23 -9.20 4.96 -30.35
CA GLY A 23 -8.93 3.58 -30.04
C GLY A 23 -7.45 3.23 -30.06
N VAL A 24 -7.10 2.14 -29.38
CA VAL A 24 -5.71 1.74 -29.19
C VAL A 24 -4.98 1.30 -30.47
N ALA A 25 -5.69 1.23 -31.58
CA ALA A 25 -5.07 0.83 -32.84
C ALA A 25 -5.11 1.96 -33.88
N HIS A 26 -5.44 3.17 -33.43
CA HIS A 26 -5.54 4.31 -34.33
C HIS A 26 -4.16 4.74 -34.81
N PRO A 27 -3.93 4.72 -36.13
CA PRO A 27 -2.64 5.12 -36.69
C PRO A 27 -2.49 6.63 -36.68
N VAL A 28 -1.27 7.12 -36.84
CA VAL A 28 -1.02 8.55 -36.96
C VAL A 28 -0.93 8.94 -38.43
N THR A 29 -1.76 9.88 -38.85
CA THR A 29 -1.62 10.46 -40.19
C THR A 29 -1.13 11.89 -40.10
N VAL A 30 -0.18 12.24 -40.97
CA VAL A 30 0.32 13.60 -41.04
C VAL A 30 0.10 14.15 -42.45
N ARG A 31 -0.61 15.27 -42.55
CA ARG A 31 -0.80 15.93 -43.84
C ARG A 31 0.15 17.10 -43.98
N PHE A 32 0.87 17.14 -45.09
CA PHE A 32 1.81 18.23 -45.34
C PHE A 32 1.17 19.29 -46.24
N ALA A 33 1.66 20.52 -46.14
CA ALA A 33 1.14 21.63 -46.93
C ALA A 33 1.26 21.35 -48.41
N GLU A 34 2.44 20.88 -48.84
CA GLU A 34 2.69 20.54 -50.23
C GLU A 34 2.97 19.06 -50.35
N PRO A 35 2.67 18.45 -51.52
CA PRO A 35 3.00 17.05 -51.78
C PRO A 35 4.46 16.76 -51.48
N VAL A 36 4.75 15.60 -50.90
CA VAL A 36 6.10 15.29 -50.44
C VAL A 36 6.96 14.60 -51.51
N THR A 37 8.18 15.10 -51.68
CA THR A 37 9.16 14.49 -52.57
C THR A 37 10.01 13.47 -51.82
N ASP A 38 10.78 13.95 -50.84
CA ASP A 38 11.61 13.08 -50.02
C ASP A 38 10.78 12.44 -48.92
N ARG A 39 10.14 11.32 -49.23
CA ARG A 39 9.30 10.61 -48.28
C ARG A 39 10.12 10.07 -47.10
N ARG A 40 11.30 9.54 -47.40
CA ARG A 40 12.15 8.98 -46.36
CA ARG A 40 12.19 8.98 -46.38
C ARG A 40 12.54 10.03 -45.32
N SER A 41 12.67 11.28 -45.74
CA SER A 41 12.99 12.37 -44.83
C SER A 41 11.79 12.74 -43.97
N ALA A 42 10.62 12.74 -44.60
CA ALA A 42 9.38 13.03 -43.89
C ALA A 42 9.13 11.99 -42.81
N GLU A 43 9.48 10.74 -43.12
CA GLU A 43 9.28 9.63 -42.18
C GLU A 43 10.21 9.72 -40.98
N ARG A 44 11.43 10.19 -41.20
CA ARG A 44 12.40 10.32 -40.11
C ARG A 44 12.05 11.49 -39.18
N SER A 45 11.28 12.43 -39.69
CA SER A 45 10.89 13.61 -38.92
C SER A 45 9.80 13.32 -37.88
N LEU A 46 9.31 12.08 -37.86
CA LEU A 46 8.27 11.70 -36.91
C LEU A 46 8.87 11.17 -35.61
N ARG A 47 8.68 11.92 -34.53
CA ARG A 47 9.15 11.49 -33.22
C ARG A 47 7.98 11.18 -32.30
N ILE A 48 7.93 9.94 -31.80
CA ILE A 48 6.89 9.53 -30.88
C ILE A 48 7.48 9.15 -29.53
N ALA A 49 7.02 9.84 -28.47
CA ALA A 49 7.54 9.63 -27.12
C ALA A 49 7.42 8.18 -26.66
N SER A 50 8.52 7.63 -26.16
CA SER A 50 8.58 6.25 -25.69
C SER A 50 8.21 5.24 -26.77
N THR A 51 8.44 5.60 -28.03
CA THR A 51 8.13 4.72 -29.15
C THR A 51 9.19 4.83 -30.25
N ASP A 52 9.58 3.68 -30.81
CA ASP A 52 10.49 3.65 -31.95
C ASP A 52 9.66 3.41 -33.22
N THR A 53 9.76 4.33 -34.17
CA THR A 53 8.95 4.28 -35.39
C THR A 53 9.32 3.12 -36.32
N SER A 54 10.43 2.44 -36.02
CA SER A 54 10.80 1.25 -36.77
C SER A 54 9.95 0.07 -36.32
N ALA A 55 9.33 0.21 -35.15
CA ALA A 55 8.38 -0.77 -34.66
C ALA A 55 6.99 -0.42 -35.15
N GLY A 56 6.89 -0.18 -36.46
CA GLY A 56 5.63 0.17 -37.10
C GLY A 56 5.81 0.15 -38.60
N ARG A 57 4.81 0.68 -39.32
CA ARG A 57 4.87 0.69 -40.77
C ARG A 57 4.41 2.03 -41.32
N PHE A 58 5.20 2.59 -42.24
CA PHE A 58 4.85 3.83 -42.91
C PHE A 58 4.12 3.55 -44.21
N ARG A 59 3.11 4.36 -44.51
CA ARG A 59 2.41 4.28 -45.80
C ARG A 59 2.08 5.68 -46.30
N TRP A 60 1.79 5.79 -47.59
CA TRP A 60 1.45 7.08 -48.19
C TRP A 60 0.13 7.01 -48.94
N PRO A 61 -0.97 7.27 -48.22
CA PRO A 61 -2.35 7.20 -48.72
C PRO A 61 -2.62 8.23 -49.81
N GLU A 62 -2.14 9.45 -49.59
CA GLU A 62 -2.18 10.50 -50.62
C GLU A 62 -0.78 11.05 -50.78
N ALA A 63 -0.57 11.85 -51.82
CA ALA A 63 0.75 12.41 -52.10
C ALA A 63 1.24 13.30 -50.96
N ALA A 64 0.30 13.93 -50.27
CA ALA A 64 0.64 14.89 -49.23
C ALA A 64 0.42 14.37 -47.80
N VAL A 65 -0.24 13.22 -47.66
CA VAL A 65 -0.47 12.66 -46.33
C VAL A 65 0.38 11.42 -46.03
N MSE A 66 0.95 11.41 -44.83
CA MSE A 66 1.81 10.31 -44.38
CA MSE A 66 1.79 10.29 -44.39
C MSE A 66 1.10 9.55 -43.26
O MSE A 66 0.49 10.16 -42.39
CB MSE A 66 3.14 10.86 -43.89
CB MSE A 66 3.15 10.83 -43.92
CG MSE A 66 4.09 9.83 -43.30
CG MSE A 66 4.08 9.77 -43.36
SE MSE A 66 5.76 10.64 -42.69
SE MSE A 66 5.79 10.52 -42.79
CE MSE A 66 5.03 11.92 -41.41
CE MSE A 66 5.13 11.86 -41.54
N GLU A 67 1.18 8.22 -43.29
CA GLU A 67 0.52 7.42 -42.26
C GLU A 67 1.47 6.45 -41.56
N TRP A 68 1.39 6.42 -40.23
CA TRP A 68 2.18 5.47 -39.45
C TRP A 68 1.30 4.61 -38.56
N THR A 69 1.45 3.29 -38.68
CA THR A 69 0.70 2.35 -37.87
C THR A 69 1.63 1.54 -36.99
N PRO A 70 1.40 1.55 -35.67
CA PRO A 70 2.23 0.78 -34.74
C PRO A 70 2.03 -0.73 -34.88
N ASP A 71 3.08 -1.50 -34.66
CA ASP A 71 3.00 -2.95 -34.73
C ASP A 71 2.20 -3.53 -33.57
N GLU A 72 2.23 -2.85 -32.43
CA GLU A 72 1.40 -3.21 -31.29
C GLU A 72 0.37 -2.12 -31.04
N PHE A 73 -0.65 -2.44 -30.26
CA PHE A 73 -1.65 -1.43 -29.88
C PHE A 73 -1.01 -0.39 -28.98
N TRP A 74 -1.53 0.83 -29.04
CA TRP A 74 -1.20 1.84 -28.02
C TRP A 74 -1.66 1.30 -26.68
N PRO A 75 -1.01 1.74 -25.59
CA PRO A 75 -1.60 1.44 -24.28
C PRO A 75 -2.92 2.19 -24.15
N ALA A 76 -3.91 1.57 -23.53
CA ALA A 76 -5.19 2.23 -23.35
C ALA A 76 -5.10 3.26 -22.23
N HIS A 77 -6.05 4.21 -22.21
CA HIS A 77 -6.13 5.23 -21.17
C HIS A 77 -4.83 5.99 -21.01
N SER A 78 -4.16 6.25 -22.14
CA SER A 78 -2.86 6.89 -22.11
C SER A 78 -2.84 8.18 -22.92
N THR A 79 -1.83 9.00 -22.67
CA THR A 79 -1.59 10.18 -23.49
C THR A 79 -0.38 9.90 -24.36
N ILE A 80 -0.57 9.97 -25.67
CA ILE A 80 0.52 9.73 -26.61
C ILE A 80 1.05 11.06 -27.11
N SER A 81 2.35 11.26 -26.95
CA SER A 81 2.97 12.53 -27.33
C SER A 81 3.89 12.37 -28.53
N LEU A 82 3.68 13.22 -29.53
CA LEU A 82 4.50 13.16 -30.73
C LEU A 82 4.82 14.55 -31.29
N SER A 83 5.84 14.59 -32.15
CA SER A 83 6.18 15.81 -32.87
C SER A 83 6.67 15.42 -34.27
N VAL A 84 6.04 16.00 -35.29
CA VAL A 84 6.47 15.78 -36.65
C VAL A 84 7.07 17.07 -37.22
N GLY A 85 8.38 17.05 -37.42
CA GLY A 85 9.11 18.24 -37.82
C GLY A 85 9.00 19.31 -36.75
N GLY A 86 8.25 20.37 -37.05
CA GLY A 86 8.04 21.45 -36.11
C GLY A 86 6.90 21.18 -35.14
N VAL A 87 5.69 21.03 -35.69
CA VAL A 87 4.48 20.84 -34.88
C VAL A 87 4.61 19.75 -33.83
N LYS A 88 4.38 20.12 -32.58
CA LYS A 88 4.34 19.17 -31.48
C LYS A 88 2.91 19.06 -30.95
N THR A 89 2.39 17.83 -30.91
CA THR A 89 1.02 17.62 -30.46
C THR A 89 0.89 16.33 -29.66
N SER A 90 -0.32 16.06 -29.20
CA SER A 90 -0.59 14.85 -28.42
C SER A 90 -2.07 14.51 -28.45
N PHE A 91 -2.37 13.23 -28.34
CA PHE A 91 -3.74 12.77 -28.25
C PHE A 91 -3.86 11.72 -27.16
N ASN A 92 -5.09 11.35 -26.82
CA ASN A 92 -5.32 10.36 -25.79
C ASN A 92 -5.96 9.10 -26.36
N THR A 93 -5.70 7.98 -25.71
CA THR A 93 -6.38 6.73 -26.07
C THR A 93 -7.48 6.45 -25.06
N GLY A 94 -8.57 5.85 -25.52
CA GLY A 94 -9.63 5.44 -24.64
C GLY A 94 -9.37 4.02 -24.17
N ALA A 95 -10.43 3.29 -23.85
CA ALA A 95 -10.30 1.89 -23.47
C ALA A 95 -9.90 1.05 -24.69
N GLU A 96 -9.22 -0.07 -24.43
CA GLU A 96 -9.00 -1.05 -25.48
C GLU A 96 -10.31 -1.78 -25.73
N VAL A 97 -10.91 -1.55 -26.88
CA VAL A 97 -12.14 -2.24 -27.24
C VAL A 97 -11.86 -3.19 -28.39
N LEU A 98 -11.64 -4.46 -28.05
CA LEU A 98 -11.26 -5.46 -29.04
C LEU A 98 -12.42 -6.34 -29.49
N GLY A 99 -12.63 -6.38 -30.80
CA GLY A 99 -13.61 -7.28 -31.38
C GLY A 99 -12.90 -8.40 -32.12
N VAL A 100 -13.17 -9.63 -31.72
CA VAL A 100 -12.55 -10.79 -32.35
C VAL A 100 -13.58 -11.64 -33.09
N ALA A 101 -13.55 -11.60 -34.41
CA ALA A 101 -14.40 -12.46 -35.21
C ALA A 101 -13.73 -13.82 -35.39
N ASP A 102 -14.41 -14.87 -34.93
CA ASP A 102 -13.89 -16.22 -35.09
C ASP A 102 -14.71 -16.97 -36.14
N ILE A 103 -14.11 -17.20 -37.29
CA ILE A 103 -14.79 -17.77 -38.45
C ILE A 103 -15.30 -19.19 -38.19
N ASP A 104 -14.46 -20.04 -37.59
CA ASP A 104 -14.84 -21.43 -37.30
C ASP A 104 -15.95 -21.53 -36.26
N ALA A 105 -15.88 -20.69 -35.23
CA ALA A 105 -16.84 -20.74 -34.14
C ALA A 105 -18.09 -19.93 -34.43
N HIS A 106 -18.04 -19.11 -35.49
CA HIS A 106 -19.14 -18.23 -35.86
C HIS A 106 -19.53 -17.31 -34.72
N THR A 107 -18.52 -16.69 -34.10
CA THR A 107 -18.73 -15.79 -32.98
C THR A 107 -18.00 -14.47 -33.17
N PHE A 108 -18.56 -13.41 -32.62
CA PHE A 108 -17.89 -12.11 -32.57
C PHE A 108 -17.79 -11.69 -31.11
N THR A 109 -16.58 -11.80 -30.56
CA THR A 109 -16.36 -11.55 -29.13
C THR A 109 -15.76 -10.17 -28.88
N VAL A 110 -16.44 -9.36 -28.07
CA VAL A 110 -15.98 -8.01 -27.76
C VAL A 110 -15.56 -7.89 -26.29
N SER A 111 -14.38 -7.33 -26.07
CA SER A 111 -13.89 -7.12 -24.72
C SER A 111 -13.35 -5.71 -24.52
N VAL A 112 -13.49 -5.20 -23.30
CA VAL A 112 -12.97 -3.88 -22.95
C VAL A 112 -11.89 -4.03 -21.88
N ASP A 113 -10.68 -3.61 -22.20
CA ASP A 113 -9.53 -3.71 -21.29
C ASP A 113 -9.32 -5.11 -20.73
N GLY A 114 -9.53 -6.12 -21.55
CA GLY A 114 -9.32 -7.50 -21.14
C GLY A 114 -10.53 -8.18 -20.55
N GLU A 115 -11.62 -7.43 -20.34
CA GLU A 115 -12.84 -8.00 -19.80
C GLU A 115 -13.82 -8.34 -20.93
N VAL A 116 -14.12 -9.62 -21.10
CA VAL A 116 -15.06 -10.05 -22.12
C VAL A 116 -16.48 -9.63 -21.77
N LEU A 117 -17.06 -8.78 -22.60
CA LEU A 117 -18.40 -8.26 -22.36
C LEU A 117 -19.46 -9.12 -23.03
N ARG A 118 -19.26 -9.41 -24.31
CA ARG A 118 -20.21 -10.22 -25.07
C ARG A 118 -19.52 -11.17 -26.04
N LYS A 119 -20.00 -12.41 -26.08
CA LYS A 119 -19.62 -13.34 -27.12
C LYS A 119 -20.85 -13.53 -28.00
N MSE A 120 -20.88 -12.82 -29.11
CA MSE A 120 -22.09 -12.75 -29.92
C MSE A 120 -22.07 -13.70 -31.11
O MSE A 120 -21.02 -13.91 -31.72
CB MSE A 120 -22.32 -11.31 -30.40
CG MSE A 120 -22.55 -10.33 -29.26
SE MSE A 120 -22.37 -8.50 -29.83
CE MSE A 120 -20.46 -8.50 -30.18
N PRO A 121 -23.23 -14.28 -31.44
CA PRO A 121 -23.37 -15.11 -32.63
C PRO A 121 -23.15 -14.27 -33.87
N ALA A 122 -22.26 -14.71 -34.75
CA ALA A 122 -21.96 -13.97 -35.97
C ALA A 122 -21.91 -14.90 -37.18
N SER A 123 -22.01 -14.31 -38.37
CA SER A 123 -21.87 -15.07 -39.60
C SER A 123 -20.89 -14.37 -40.53
N MSE A 124 -19.75 -15.00 -40.79
CA MSE A 124 -18.74 -14.43 -41.66
C MSE A 124 -18.96 -14.83 -43.12
O MSE A 124 -20.02 -15.34 -43.48
CB MSE A 124 -17.33 -14.83 -41.19
CG MSE A 124 -16.72 -13.85 -40.18
SE MSE A 124 -17.87 -13.42 -38.66
CE MSE A 124 -17.69 -15.07 -37.65
N GLY A 125 -17.96 -14.59 -43.96
CA GLY A 125 -18.11 -14.83 -45.39
C GLY A 125 -18.20 -16.29 -45.79
N LYS A 126 -19.08 -16.58 -46.75
CA LYS A 126 -19.16 -17.90 -47.35
C LYS A 126 -17.83 -18.21 -48.05
N PRO A 127 -17.52 -19.50 -48.28
CA PRO A 127 -16.20 -19.88 -48.80
C PRO A 127 -15.83 -19.18 -50.11
N LYS A 128 -16.81 -18.90 -50.96
CA LYS A 128 -16.56 -18.20 -52.22
C LYS A 128 -16.13 -16.75 -51.97
N PHE A 129 -16.74 -16.12 -50.97
CA PHE A 129 -16.42 -14.75 -50.60
C PHE A 129 -16.05 -14.66 -49.13
N PRO A 130 -14.88 -15.17 -48.76
CA PRO A 130 -14.52 -15.30 -47.34
C PRO A 130 -14.19 -13.94 -46.72
N THR A 131 -14.31 -13.86 -45.40
CA THR A 131 -13.88 -12.68 -44.67
C THR A 131 -12.36 -12.70 -44.54
N PRO A 132 -11.70 -11.63 -44.97
CA PRO A 132 -10.22 -11.58 -44.91
C PRO A 132 -9.73 -11.62 -43.46
N ARG A 133 -8.74 -12.46 -43.21
CA ARG A 133 -8.24 -12.67 -41.86
C ARG A 133 -7.07 -11.75 -41.55
N GLY A 134 -6.97 -11.34 -40.29
CA GLY A 134 -5.89 -10.47 -39.86
C GLY A 134 -6.28 -9.50 -38.76
N THR A 135 -5.40 -8.55 -38.48
CA THR A 135 -5.61 -7.56 -37.45
C THR A 135 -5.98 -6.23 -38.09
N PHE A 136 -7.22 -5.79 -37.88
CA PHE A 136 -7.70 -4.58 -38.52
C PHE A 136 -8.08 -3.48 -37.51
N THR A 137 -8.58 -2.38 -38.05
CA THR A 137 -8.94 -1.22 -37.25
C THR A 137 -10.28 -0.69 -37.71
N ALA A 138 -11.17 -0.38 -36.77
CA ALA A 138 -12.42 0.29 -37.10
C ALA A 138 -12.08 1.61 -37.79
N LEU A 139 -12.35 1.67 -39.10
CA LEU A 139 -11.95 2.81 -39.92
C LEU A 139 -13.00 3.91 -39.93
N ALA A 140 -14.27 3.53 -39.83
CA ALA A 140 -15.36 4.48 -39.87
C ALA A 140 -16.62 3.93 -39.23
N LYS A 141 -17.56 4.82 -38.92
CA LYS A 141 -18.86 4.42 -38.41
C LYS A 141 -19.95 5.11 -39.23
N GLU A 142 -20.80 4.32 -39.85
CA GLU A 142 -21.89 4.86 -40.66
C GLU A 142 -23.20 4.24 -40.21
N PRO A 143 -24.14 5.07 -39.74
CA PRO A 143 -25.45 4.62 -39.28
C PRO A 143 -26.17 3.86 -40.40
N VAL A 144 -26.05 4.35 -41.63
CA VAL A 144 -26.53 3.61 -42.79
C VAL A 144 -25.50 3.65 -43.91
N VAL A 145 -25.35 2.52 -44.60
CA VAL A 145 -24.51 2.44 -45.79
C VAL A 145 -25.10 1.42 -46.75
N VAL A 146 -24.93 1.66 -48.05
CA VAL A 146 -25.42 0.72 -49.06
C VAL A 146 -24.34 -0.28 -49.44
N MSE A 147 -24.62 -1.56 -49.18
CA MSE A 147 -23.75 -2.63 -49.63
C MSE A 147 -24.07 -2.95 -51.08
O MSE A 147 -25.20 -3.30 -51.41
CB MSE A 147 -23.96 -3.89 -48.78
CG MSE A 147 -23.81 -3.70 -47.28
SE MSE A 147 -22.09 -2.97 -46.73
CE MSE A 147 -20.92 -4.20 -47.68
N ASP A 148 -23.08 -2.80 -51.96
CA ASP A 148 -23.27 -3.04 -53.39
C ASP A 148 -22.47 -4.26 -53.85
N SER A 149 -23.16 -5.25 -54.41
CA SER A 149 -22.53 -6.51 -54.80
C SER A 149 -21.53 -6.36 -55.93
N ARG A 150 -21.55 -5.22 -56.60
CA ARG A 150 -20.62 -4.96 -57.69
C ARG A 150 -19.21 -4.69 -57.16
N THR A 151 -19.12 -4.42 -55.85
CA THR A 151 -17.85 -4.27 -55.17
C THR A 151 -17.04 -5.55 -55.26
N ILE A 152 -17.72 -6.69 -55.21
CA ILE A 152 -17.07 -8.00 -55.30
C ILE A 152 -17.33 -8.70 -56.63
N GLY A 153 -17.74 -7.94 -57.64
CA GLY A 153 -17.87 -8.45 -58.98
C GLY A 153 -19.15 -9.21 -59.31
N ILE A 154 -20.22 -8.95 -58.56
CA ILE A 154 -21.50 -9.58 -58.87
C ILE A 154 -22.48 -8.52 -59.39
N PRO A 155 -22.90 -8.67 -60.66
CA PRO A 155 -23.85 -7.74 -61.28
C PRO A 155 -25.24 -7.85 -60.65
N LEU A 156 -25.96 -6.73 -60.58
CA LEU A 156 -27.28 -6.70 -59.96
C LEU A 156 -28.28 -7.62 -60.65
N SER A 157 -27.98 -8.00 -61.88
CA SER A 157 -28.85 -8.88 -62.66
C SER A 157 -28.66 -10.35 -62.31
N ASP A 158 -27.58 -10.64 -61.59
CA ASP A 158 -27.30 -12.00 -61.14
C ASP A 158 -28.18 -12.32 -59.93
N PRO A 159 -28.66 -13.57 -59.84
CA PRO A 159 -29.47 -13.99 -58.69
C PRO A 159 -28.74 -13.80 -57.36
N GLU A 160 -27.42 -13.79 -57.39
CA GLU A 160 -26.63 -13.62 -56.18
C GLU A 160 -26.15 -12.18 -56.00
N GLY A 161 -26.59 -11.29 -56.88
CA GLY A 161 -26.31 -9.87 -56.74
C GLY A 161 -27.19 -9.23 -55.69
N TYR A 162 -26.76 -8.08 -55.19
CA TYR A 162 -27.53 -7.37 -54.17
C TYR A 162 -27.19 -5.89 -54.12
N LYS A 163 -28.13 -5.09 -53.64
CA LYS A 163 -27.90 -3.68 -53.40
C LYS A 163 -28.91 -3.24 -52.35
N LEU A 164 -28.43 -3.07 -51.12
CA LEU A 164 -29.31 -2.83 -49.99
C LEU A 164 -28.68 -1.96 -48.93
N THR A 165 -29.52 -1.32 -48.13
CA THR A 165 -29.07 -0.48 -47.03
C THR A 165 -28.94 -1.31 -45.76
N VAL A 166 -27.79 -1.20 -45.09
CA VAL A 166 -27.59 -1.86 -43.81
C VAL A 166 -27.41 -0.84 -42.70
N ASN A 167 -27.87 -1.19 -41.49
CA ASN A 167 -27.79 -0.29 -40.35
C ASN A 167 -26.56 -0.58 -39.51
N HIS A 168 -26.08 0.46 -38.82
CA HIS A 168 -25.02 0.32 -37.82
C HIS A 168 -23.77 -0.37 -38.35
N ALA A 169 -23.18 0.21 -39.40
CA ALA A 169 -22.02 -0.36 -40.05
C ALA A 169 -20.71 0.18 -39.52
N VAL A 170 -19.77 -0.74 -39.24
CA VAL A 170 -18.43 -0.35 -38.83
C VAL A 170 -17.44 -0.85 -39.87
N ARG A 171 -16.77 0.07 -40.54
CA ARG A 171 -15.83 -0.28 -41.61
C ARG A 171 -14.57 -0.94 -41.07
N VAL A 172 -14.29 -2.14 -41.55
CA VAL A 172 -13.13 -2.91 -41.11
C VAL A 172 -11.96 -2.74 -42.07
N THR A 173 -12.27 -2.77 -43.37
CA THR A 173 -11.24 -2.58 -44.40
C THR A 173 -11.69 -1.56 -45.42
N TRP A 174 -10.74 -0.99 -46.16
CA TRP A 174 -11.09 -0.09 -47.26
C TRP A 174 -11.59 -0.86 -48.47
N GLY A 175 -11.40 -2.18 -48.44
CA GLY A 175 -11.92 -3.04 -49.48
C GLY A 175 -13.42 -3.13 -49.46
N GLY A 176 -14.00 -3.03 -48.26
CA GLY A 176 -15.45 -3.04 -48.13
C GLY A 176 -15.99 -4.02 -47.11
N VAL A 177 -15.13 -4.52 -46.23
CA VAL A 177 -15.57 -5.37 -45.14
C VAL A 177 -16.18 -4.52 -44.03
N TYR A 178 -17.35 -4.92 -43.54
CA TYR A 178 -18.03 -4.20 -42.48
C TYR A 178 -18.51 -5.12 -41.38
N VAL A 179 -18.71 -4.56 -40.19
CA VAL A 179 -19.56 -5.18 -39.18
C VAL A 179 -20.88 -4.44 -39.28
N HIS A 180 -21.98 -5.15 -39.50
CA HIS A 180 -23.27 -4.48 -39.67
C HIS A 180 -24.47 -5.32 -39.26
N SER A 181 -25.64 -4.67 -39.20
CA SER A 181 -26.88 -5.36 -38.90
C SER A 181 -27.33 -6.18 -40.10
N ALA A 182 -27.52 -7.48 -39.90
CA ALA A 182 -27.99 -8.35 -40.96
C ALA A 182 -29.15 -9.22 -40.50
N PRO A 183 -30.37 -8.66 -40.52
CA PRO A 183 -31.58 -9.41 -40.16
C PRO A 183 -31.74 -10.63 -41.05
N TRP A 184 -31.29 -10.51 -42.30
CA TRP A 184 -31.44 -11.57 -43.29
CA TRP A 184 -31.45 -11.58 -43.27
C TRP A 184 -30.79 -12.89 -42.86
N SER A 185 -29.76 -12.81 -42.03
CA SER A 185 -28.99 -14.00 -41.66
C SER A 185 -28.99 -14.35 -40.17
N VAL A 186 -29.95 -13.84 -39.42
CA VAL A 186 -30.07 -14.14 -37.99
C VAL A 186 -30.08 -15.65 -37.74
N GLY A 187 -30.79 -16.38 -38.60
CA GLY A 187 -30.91 -17.82 -38.48
C GLY A 187 -29.63 -18.59 -38.69
N SER A 188 -28.62 -17.95 -39.28
CA SER A 188 -27.36 -18.60 -39.58
CA SER A 188 -27.36 -18.62 -39.55
C SER A 188 -26.24 -18.16 -38.62
N GLN A 189 -26.45 -17.03 -37.96
CA GLN A 189 -25.44 -16.49 -37.05
C GLN A 189 -25.21 -17.41 -35.86
N GLY A 190 -23.98 -17.88 -35.72
CA GLY A 190 -23.63 -18.81 -34.66
C GLY A 190 -23.52 -20.25 -35.15
N TYR A 191 -23.96 -20.49 -36.37
CA TYR A 191 -23.96 -21.84 -36.93
C TYR A 191 -23.12 -21.96 -38.20
N ALA A 192 -23.39 -21.09 -39.17
CA ALA A 192 -22.67 -21.13 -40.44
C ALA A 192 -22.40 -19.75 -41.02
N ASN A 193 -21.38 -19.66 -41.87
CA ASN A 193 -21.00 -18.41 -42.52
C ASN A 193 -21.68 -18.25 -43.89
N VAL A 194 -22.61 -17.30 -43.97
CA VAL A 194 -23.44 -17.15 -45.17
C VAL A 194 -23.37 -15.75 -45.80
N SER A 195 -22.41 -14.94 -45.36
CA SER A 195 -22.30 -13.58 -45.87
C SER A 195 -21.38 -13.53 -47.09
N HIS A 196 -21.18 -12.32 -47.62
CA HIS A 196 -20.29 -12.12 -48.76
C HIS A 196 -18.96 -11.52 -48.35
N GLY A 197 -18.64 -11.63 -47.06
CA GLY A 197 -17.37 -11.13 -46.55
C GLY A 197 -17.51 -10.33 -45.27
N CYS A 198 -18.63 -9.62 -45.13
CA CYS A 198 -18.87 -8.80 -43.94
C CYS A 198 -19.06 -9.64 -42.69
N ILE A 199 -19.00 -8.98 -41.54
CA ILE A 199 -19.27 -9.63 -40.26
C ILE A 199 -20.74 -9.39 -39.89
N ASN A 200 -21.56 -10.43 -40.01
CA ASN A 200 -23.00 -10.31 -39.80
C ASN A 200 -23.43 -10.50 -38.34
N LEU A 201 -24.16 -9.51 -37.83
CA LEU A 201 -24.70 -9.58 -36.48
C LEU A 201 -26.21 -9.34 -36.50
N SER A 202 -26.87 -9.71 -35.41
CA SER A 202 -28.27 -9.35 -35.22
C SER A 202 -28.36 -7.83 -35.05
N PRO A 203 -29.55 -7.26 -35.32
CA PRO A 203 -29.74 -5.81 -35.19
C PRO A 203 -29.45 -5.27 -33.79
N ASP A 204 -29.73 -6.05 -32.74
CA ASP A 204 -29.48 -5.61 -31.38
CA ASP A 204 -29.48 -5.60 -31.38
C ASP A 204 -28.00 -5.66 -31.04
N ASN A 205 -27.32 -6.71 -31.53
CA ASN A 205 -25.89 -6.86 -31.29
C ASN A 205 -25.08 -5.84 -32.09
N ALA A 206 -25.51 -5.57 -33.32
CA ALA A 206 -24.85 -4.59 -34.16
C ALA A 206 -25.03 -3.18 -33.61
N ALA A 207 -26.22 -2.90 -33.10
CA ALA A 207 -26.49 -1.60 -32.47
C ALA A 207 -25.67 -1.45 -31.20
N TRP A 208 -25.57 -2.52 -30.41
CA TRP A 208 -24.79 -2.50 -29.19
C TRP A 208 -23.31 -2.25 -29.48
N TYR A 209 -22.77 -3.00 -30.44
CA TYR A 209 -21.36 -2.84 -30.81
C TYR A 209 -21.10 -1.48 -31.43
N TYR A 210 -22.05 -0.97 -32.20
CA TYR A 210 -21.89 0.32 -32.87
C TYR A 210 -21.76 1.46 -31.86
N ASP A 211 -22.60 1.44 -30.83
CA ASP A 211 -22.63 2.52 -29.85
C ASP A 211 -21.42 2.55 -28.94
N MSE A 212 -20.77 1.39 -28.76
CA MSE A 212 -19.64 1.30 -27.86
CA MSE A 212 -19.63 1.26 -27.86
C MSE A 212 -18.28 1.32 -28.57
O MSE A 212 -17.25 1.58 -27.94
CB MSE A 212 -19.78 0.09 -26.94
CB MSE A 212 -19.73 -0.05 -27.07
CG MSE A 212 -19.80 -1.23 -27.68
CG MSE A 212 -20.78 -0.06 -25.98
SE MSE A 212 -18.02 -1.96 -27.84
SE MSE A 212 -20.15 -1.05 -24.43
CE MSE A 212 -17.62 -2.08 -25.93
CE MSE A 212 -21.75 -0.97 -23.32
N VAL A 213 -18.28 1.05 -29.87
CA VAL A 213 -17.03 1.08 -30.62
C VAL A 213 -16.64 2.50 -30.99
N SER A 214 -15.34 2.72 -31.22
CA SER A 214 -14.84 4.02 -31.66
C SER A 214 -13.88 3.81 -32.82
N VAL A 215 -13.75 4.82 -33.67
CA VAL A 215 -12.78 4.78 -34.76
C VAL A 215 -11.37 4.59 -34.21
N GLY A 216 -10.72 3.51 -34.59
CA GLY A 216 -9.39 3.22 -34.07
C GLY A 216 -9.37 1.98 -33.19
N ASP A 217 -10.54 1.50 -32.80
CA ASP A 217 -10.63 0.28 -32.01
C ASP A 217 -10.21 -0.91 -32.87
N PRO A 218 -9.43 -1.82 -32.29
CA PRO A 218 -8.92 -2.97 -33.04
C PRO A 218 -10.00 -4.02 -33.33
N ILE A 219 -9.97 -4.56 -34.54
CA ILE A 219 -10.85 -5.66 -34.92
C ILE A 219 -9.99 -6.79 -35.48
N ILE A 220 -10.05 -7.95 -34.84
CA ILE A 220 -9.27 -9.10 -35.29
C ILE A 220 -10.15 -10.16 -35.91
N VAL A 221 -9.85 -10.52 -37.16
CA VAL A 221 -10.50 -11.65 -37.82
C VAL A 221 -9.52 -12.81 -37.88
N GLN A 222 -9.95 -13.97 -37.38
CA GLN A 222 -9.07 -15.13 -37.28
C GLN A 222 -9.84 -16.41 -37.60
N ALA A 223 -9.13 -17.52 -37.68
CA ALA A 223 -9.74 -18.81 -37.95
C ALA A 223 -10.73 -19.19 -36.85
N THR B 7 40.79 -12.31 0.30
CA THR B 7 40.86 -10.94 -0.16
C THR B 7 39.53 -10.19 0.06
N PRO B 8 39.60 -9.01 0.71
CA PRO B 8 38.41 -8.29 1.19
C PRO B 8 37.83 -7.30 0.19
N VAL B 9 36.61 -6.83 0.49
CA VAL B 9 35.94 -5.80 -0.31
C VAL B 9 35.30 -4.77 0.61
N GLU B 10 35.23 -3.53 0.17
CA GLU B 10 34.73 -2.45 1.02
C GLU B 10 33.30 -2.01 0.66
N VAL B 11 32.65 -1.35 1.62
CA VAL B 11 31.26 -0.93 1.47
C VAL B 11 31.14 0.40 0.71
N ALA B 12 30.30 0.41 -0.33
CA ALA B 12 30.13 1.58 -1.17
C ALA B 12 28.91 2.42 -0.78
N GLN B 13 27.79 1.76 -0.52
CA GLN B 13 26.53 2.46 -0.28
C GLN B 13 25.55 1.63 0.55
N VAL B 14 24.88 2.29 1.50
CA VAL B 14 23.89 1.62 2.33
C VAL B 14 22.50 2.25 2.14
N GLU B 15 21.48 1.41 2.07
CA GLU B 15 20.09 1.88 2.00
C GLU B 15 19.25 1.25 3.11
N PRO B 16 18.34 2.04 3.71
CA PRO B 16 18.08 3.44 3.38
C PRO B 16 19.20 4.38 3.84
N ALA B 17 19.36 5.49 3.12
CA ALA B 17 20.45 6.44 3.37
C ALA B 17 20.41 7.00 4.78
N ALA B 18 21.52 7.61 5.19
CA ALA B 18 21.61 8.25 6.50
C ALA B 18 20.61 9.38 6.61
N GLY B 19 19.77 9.35 7.64
CA GLY B 19 18.79 10.40 7.87
C GLY B 19 17.51 10.23 7.08
N ALA B 20 17.36 9.09 6.40
CA ALA B 20 16.15 8.81 5.65
C ALA B 20 15.02 8.35 6.57
N VAL B 21 13.77 8.54 6.14
CA VAL B 21 12.62 8.10 6.91
C VAL B 21 11.80 7.12 6.06
N VAL B 22 11.73 5.87 6.51
CA VAL B 22 11.10 4.81 5.71
C VAL B 22 10.01 4.07 6.47
N GLY B 23 9.31 3.19 5.77
CA GLY B 23 8.31 2.35 6.40
C GLY B 23 8.91 1.24 7.26
N VAL B 24 8.09 0.65 8.12
CA VAL B 24 8.57 -0.29 9.13
C VAL B 24 8.96 -1.66 8.57
N ALA B 25 8.79 -1.87 7.28
CA ALA B 25 9.15 -3.13 6.66
C ALA B 25 10.27 -2.96 5.63
N HIS B 26 10.89 -1.79 5.63
CA HIS B 26 11.95 -1.51 4.67
C HIS B 26 13.19 -2.34 4.97
N PRO B 27 13.67 -3.09 3.97
CA PRO B 27 14.87 -3.92 4.14
C PRO B 27 16.14 -3.08 4.17
N VAL B 28 17.23 -3.67 4.62
CA VAL B 28 18.54 -3.01 4.56
C VAL B 28 19.27 -3.49 3.31
N THR B 29 19.72 -2.56 2.49
CA THR B 29 20.47 -2.88 1.28
C THR B 29 21.89 -2.35 1.38
N VAL B 30 22.86 -3.22 1.16
CA VAL B 30 24.27 -2.82 1.14
C VAL B 30 24.87 -3.10 -0.23
N ARG B 31 25.41 -2.06 -0.87
CA ARG B 31 26.12 -2.20 -2.13
C ARG B 31 27.62 -2.12 -1.91
N PHE B 32 28.34 -3.12 -2.38
CA PHE B 32 29.79 -3.15 -2.21
C PHE B 32 30.52 -2.58 -3.42
N ALA B 33 31.74 -2.11 -3.21
CA ALA B 33 32.53 -1.52 -4.28
C ALA B 33 32.76 -2.50 -5.43
N GLU B 34 33.10 -3.73 -5.08
CA GLU B 34 33.32 -4.79 -6.08
C GLU B 34 32.36 -5.93 -5.80
N PRO B 35 32.03 -6.72 -6.84
CA PRO B 35 31.21 -7.93 -6.66
C PRO B 35 31.74 -8.81 -5.53
N VAL B 36 30.85 -9.36 -4.72
CA VAL B 36 31.25 -10.14 -3.55
C VAL B 36 31.50 -11.61 -3.87
N THR B 37 32.60 -12.15 -3.36
CA THR B 37 32.92 -13.56 -3.48
C THR B 37 32.44 -14.34 -2.25
N ASP B 38 33.02 -14.02 -1.10
CA ASP B 38 32.62 -14.64 0.16
C ASP B 38 31.38 -13.95 0.71
N ARG B 39 30.21 -14.37 0.23
CA ARG B 39 28.95 -13.78 0.67
C ARG B 39 28.69 -14.00 2.15
N ARG B 40 28.99 -15.20 2.63
CA ARG B 40 28.74 -15.55 4.02
CA ARG B 40 28.73 -15.54 4.02
C ARG B 40 29.52 -14.65 4.98
N SER B 41 30.66 -14.14 4.52
CA SER B 41 31.47 -13.23 5.32
C SER B 41 30.87 -11.82 5.29
N ALA B 42 30.35 -11.43 4.13
CA ALA B 42 29.71 -10.13 3.98
C ALA B 42 28.49 -10.04 4.88
N GLU B 43 27.77 -11.15 5.02
CA GLU B 43 26.56 -11.21 5.83
C GLU B 43 26.87 -11.07 7.33
N ARG B 44 28.01 -11.63 7.75
CA ARG B 44 28.41 -11.54 9.15
C ARG B 44 28.89 -10.14 9.51
N SER B 45 29.30 -9.38 8.50
CA SER B 45 29.83 -8.02 8.71
C SER B 45 28.73 -6.99 8.96
N LEU B 46 27.48 -7.44 9.01
CA LEU B 46 26.36 -6.55 9.25
C LEU B 46 25.91 -6.62 10.70
N ARG B 47 26.09 -5.52 11.43
CA ARG B 47 25.64 -5.44 12.80
C ARG B 47 24.50 -4.44 12.92
N ILE B 48 23.38 -4.86 13.51
CA ILE B 48 22.26 -3.96 13.73
C ILE B 48 21.94 -3.86 15.22
N ALA B 49 21.97 -2.64 15.73
CA ALA B 49 21.72 -2.38 17.15
C ALA B 49 20.38 -2.93 17.62
N SER B 50 20.42 -3.67 18.73
CA SER B 50 19.21 -4.21 19.37
C SER B 50 18.44 -5.23 18.52
N THR B 51 19.03 -5.67 17.42
CA THR B 51 18.43 -6.76 16.63
C THR B 51 19.47 -7.81 16.26
N ASP B 52 19.02 -9.05 16.11
CA ASP B 52 19.90 -10.14 15.69
C ASP B 52 19.62 -10.48 14.22
N THR B 53 20.67 -10.47 13.41
CA THR B 53 20.52 -10.68 11.96
C THR B 53 20.08 -12.09 11.57
N SER B 54 20.11 -13.01 12.53
CA SER B 54 19.62 -14.36 12.29
C SER B 54 18.10 -14.37 12.36
N ALA B 55 17.53 -13.31 12.94
CA ALA B 55 16.09 -13.11 12.96
C ALA B 55 15.67 -12.34 11.72
N GLY B 56 16.22 -12.72 10.58
CA GLY B 56 15.92 -12.08 9.31
C GLY B 56 16.34 -12.97 8.16
N ARG B 57 16.39 -12.40 6.97
CA ARG B 57 16.76 -13.17 5.78
C ARG B 57 17.72 -12.41 4.88
N PHE B 58 18.84 -13.03 4.53
CA PHE B 58 19.80 -12.46 3.61
C PHE B 58 19.48 -12.89 2.18
N ARG B 59 19.58 -11.95 1.25
CA ARG B 59 19.41 -12.26 -0.18
C ARG B 59 20.43 -11.46 -0.98
N TRP B 60 20.67 -11.90 -2.22
CA TRP B 60 21.63 -11.21 -3.08
C TRP B 60 21.00 -10.86 -4.43
N PRO B 61 20.31 -9.72 -4.48
CA PRO B 61 19.61 -9.21 -5.67
C PRO B 61 20.58 -8.90 -6.81
N GLU B 62 21.77 -8.43 -6.47
CA GLU B 62 22.84 -8.23 -7.45
C GLU B 62 24.13 -8.84 -6.93
N ALA B 63 25.12 -8.96 -7.80
CA ALA B 63 26.40 -9.55 -7.41
C ALA B 63 27.11 -8.71 -6.35
N ALA B 64 26.91 -7.40 -6.42
CA ALA B 64 27.58 -6.49 -5.51
C ALA B 64 26.64 -5.93 -4.44
N VAL B 65 25.37 -6.31 -4.50
CA VAL B 65 24.36 -5.78 -3.58
C VAL B 65 23.75 -6.85 -2.70
N MSE B 66 23.86 -6.68 -1.38
CA MSE B 66 23.24 -7.61 -0.45
CA MSE B 66 23.31 -7.59 -0.39
C MSE B 66 22.05 -6.98 0.24
O MSE B 66 21.98 -5.77 0.43
CB MSE B 66 24.24 -8.17 0.56
CB MSE B 66 24.36 -7.84 0.69
CG MSE B 66 24.50 -7.30 1.77
CG MSE B 66 23.94 -8.76 1.83
SE MSE B 66 25.49 -8.30 3.13
SE MSE B 66 25.37 -9.02 3.14
CE MSE B 66 25.65 -6.92 4.49
CE MSE B 66 25.51 -7.21 3.82
N GLU B 67 21.07 -7.81 0.56
CA GLU B 67 19.82 -7.32 1.15
C GLU B 67 19.44 -8.11 2.39
N TRP B 68 19.05 -7.39 3.45
CA TRP B 68 18.57 -8.04 4.66
C TRP B 68 17.17 -7.59 5.02
N THR B 69 16.27 -8.56 5.21
CA THR B 69 14.89 -8.29 5.57
C THR B 69 14.56 -8.88 6.93
N PRO B 70 14.12 -8.03 7.87
CA PRO B 70 13.77 -8.49 9.22
C PRO B 70 12.51 -9.36 9.22
N ASP B 71 12.44 -10.33 10.12
CA ASP B 71 11.28 -11.22 10.22
C ASP B 71 10.07 -10.49 10.80
N GLU B 72 10.34 -9.47 11.62
CA GLU B 72 9.29 -8.60 12.14
C GLU B 72 9.48 -7.21 11.58
N PHE B 73 8.45 -6.38 11.69
CA PHE B 73 8.57 -4.98 11.31
C PHE B 73 9.52 -4.26 12.25
N TRP B 74 10.21 -3.24 11.75
CA TRP B 74 10.93 -2.32 12.60
C TRP B 74 9.91 -1.66 13.53
N PRO B 75 10.36 -1.21 14.71
CA PRO B 75 9.45 -0.39 15.51
C PRO B 75 9.24 0.94 14.79
N ALA B 76 8.03 1.48 14.85
CA ALA B 76 7.74 2.74 14.18
C ALA B 76 8.33 3.90 14.97
N HIS B 77 8.53 5.04 14.29
CA HIS B 77 9.01 6.26 14.91
C HIS B 77 10.31 6.05 15.67
N SER B 78 11.19 5.24 15.09
CA SER B 78 12.43 4.86 15.76
C SER B 78 13.65 5.21 14.91
N THR B 79 14.82 5.20 15.54
CA THR B 79 16.07 5.32 14.83
C THR B 79 16.76 3.96 14.84
N ILE B 80 17.05 3.45 13.66
CA ILE B 80 17.71 2.16 13.52
C ILE B 80 19.20 2.40 13.30
N SER B 81 20.03 1.81 14.16
CA SER B 81 21.47 1.98 14.03
C SER B 81 22.16 0.70 13.59
N LEU B 82 22.84 0.78 12.45
CA LEU B 82 23.52 -0.38 11.89
C LEU B 82 24.96 -0.07 11.49
N SER B 83 25.78 -1.11 11.43
CA SER B 83 27.15 -0.98 10.96
C SER B 83 27.46 -2.15 10.04
N VAL B 84 27.83 -1.83 8.80
CA VAL B 84 28.23 -2.86 7.84
C VAL B 84 29.71 -2.67 7.47
N GLY B 85 30.55 -3.60 7.90
CA GLY B 85 31.97 -3.47 7.74
C GLY B 85 32.48 -2.24 8.49
N GLY B 86 32.97 -1.26 7.73
CA GLY B 86 33.45 -0.02 8.30
C GLY B 86 32.35 1.01 8.49
N VAL B 87 31.64 1.31 7.41
CA VAL B 87 30.58 2.32 7.42
C VAL B 87 29.55 2.11 8.53
N LYS B 88 29.48 3.07 9.45
CA LYS B 88 28.45 3.08 10.45
C LYS B 88 27.41 4.13 10.07
N THR B 89 26.15 3.74 10.07
CA THR B 89 25.08 4.64 9.65
C THR B 89 23.78 4.35 10.39
N SER B 90 22.77 5.18 10.13
CA SER B 90 21.48 5.03 10.76
C SER B 90 20.38 5.63 9.90
N PHE B 91 19.17 5.13 10.09
CA PHE B 91 18.00 5.69 9.41
C PHE B 91 16.83 5.72 10.37
N ASN B 92 15.77 6.41 9.99
CA ASN B 92 14.59 6.51 10.83
C ASN B 92 13.40 5.80 10.22
N THR B 93 12.52 5.28 11.07
CA THR B 93 11.25 4.74 10.61
C THR B 93 10.15 5.77 10.87
N GLY B 94 9.17 5.81 9.98
CA GLY B 94 8.01 6.67 10.17
C GLY B 94 6.93 5.90 10.90
N ALA B 95 5.68 6.22 10.63
CA ALA B 95 4.57 5.49 11.21
C ALA B 95 4.46 4.10 10.60
N GLU B 96 3.90 3.16 11.36
CA GLU B 96 3.54 1.86 10.80
C GLU B 96 2.27 2.06 9.98
N VAL B 97 2.40 2.03 8.67
CA VAL B 97 1.23 2.12 7.79
C VAL B 97 0.94 0.77 7.16
N LEU B 98 0.00 0.04 7.74
CA LEU B 98 -0.30 -1.33 7.29
C LEU B 98 -1.52 -1.40 6.38
N GLY B 99 -1.33 -2.02 5.22
CA GLY B 99 -2.44 -2.29 4.32
C GLY B 99 -2.72 -3.78 4.29
N VAL B 100 -3.94 -4.15 4.67
CA VAL B 100 -4.33 -5.56 4.66
C VAL B 100 -5.40 -5.84 3.60
N ALA B 101 -5.00 -6.50 2.52
CA ALA B 101 -5.95 -6.92 1.50
C ALA B 101 -6.57 -8.24 1.93
N ASP B 102 -7.89 -8.25 2.10
CA ASP B 102 -8.59 -9.48 2.45
C ASP B 102 -9.39 -9.97 1.24
N ILE B 103 -8.93 -11.08 0.66
CA ILE B 103 -9.49 -11.62 -0.57
C ILE B 103 -10.95 -12.05 -0.41
N ASP B 104 -11.24 -12.79 0.66
CA ASP B 104 -12.60 -13.31 0.88
C ASP B 104 -13.63 -12.20 1.17
N ALA B 105 -13.21 -11.16 1.87
CA ALA B 105 -14.12 -10.07 2.21
C ALA B 105 -14.09 -8.95 1.17
N HIS B 106 -13.14 -9.02 0.25
CA HIS B 106 -12.98 -8.02 -0.81
C HIS B 106 -12.79 -6.62 -0.24
N THR B 107 -11.93 -6.51 0.76
CA THR B 107 -11.64 -5.23 1.39
C THR B 107 -10.15 -4.96 1.45
N PHE B 108 -9.79 -3.68 1.42
CA PHE B 108 -8.42 -3.27 1.65
C PHE B 108 -8.41 -2.32 2.84
N THR B 109 -7.92 -2.81 3.98
CA THR B 109 -7.94 -2.04 5.22
C THR B 109 -6.58 -1.43 5.54
N VAL B 110 -6.55 -0.11 5.67
CA VAL B 110 -5.31 0.60 5.98
C VAL B 110 -5.36 1.21 7.38
N SER B 111 -4.30 0.96 8.16
CA SER B 111 -4.20 1.50 9.51
C SER B 111 -2.83 2.10 9.78
N VAL B 112 -2.81 3.12 10.64
CA VAL B 112 -1.58 3.79 11.03
C VAL B 112 -1.34 3.63 12.52
N ASP B 113 -0.24 2.95 12.87
CA ASP B 113 0.12 2.70 14.26
C ASP B 113 -1.01 2.03 15.07
N GLY B 114 -1.72 1.11 14.44
CA GLY B 114 -2.78 0.37 15.11
C GLY B 114 -4.14 1.01 15.04
N GLU B 115 -4.24 2.18 14.40
CA GLU B 115 -5.51 2.85 14.25
C GLU B 115 -6.07 2.67 12.84
N VAL B 116 -7.17 1.93 12.73
CA VAL B 116 -7.81 1.70 11.44
C VAL B 116 -8.37 3.01 10.89
N LEU B 117 -7.84 3.45 9.76
CA LEU B 117 -8.25 4.70 9.13
C LEU B 117 -9.35 4.47 8.10
N ARG B 118 -9.14 3.49 7.23
CA ARG B 118 -10.12 3.17 6.20
C ARG B 118 -10.24 1.69 5.94
N LYS B 119 -11.47 1.22 5.78
CA LYS B 119 -11.73 -0.13 5.32
C LYS B 119 -12.35 -0.01 3.94
N MSE B 120 -11.53 -0.12 2.91
CA MSE B 120 -11.95 0.21 1.56
C MSE B 120 -12.36 -1.00 0.75
O MSE B 120 -11.71 -2.05 0.80
CB MSE B 120 -10.85 1.00 0.86
CG MSE B 120 -10.52 2.32 1.54
SE MSE B 120 -8.90 3.12 0.86
CE MSE B 120 -7.64 1.80 1.49
N PRO B 121 -13.44 -0.87 -0.02
CA PRO B 121 -13.85 -1.93 -0.94
C PRO B 121 -12.79 -2.13 -2.01
N ALA B 122 -12.39 -3.38 -2.24
CA ALA B 122 -11.36 -3.69 -3.21
C ALA B 122 -11.72 -4.94 -4.01
N SER B 123 -11.00 -5.17 -5.10
CA SER B 123 -11.18 -6.37 -5.90
C SER B 123 -9.84 -7.01 -6.19
N MSE B 124 -9.61 -8.20 -5.65
CA MSE B 124 -8.36 -8.92 -5.88
C MSE B 124 -8.44 -9.81 -7.12
O MSE B 124 -9.35 -9.66 -7.94
CB MSE B 124 -7.98 -9.73 -4.63
CG MSE B 124 -7.11 -8.96 -3.63
SE MSE B 124 -7.86 -7.26 -3.02
CE MSE B 124 -9.23 -7.93 -1.83
N GLY B 125 -7.49 -10.73 -7.27
CA GLY B 125 -7.40 -11.52 -8.47
C GLY B 125 -8.48 -12.58 -8.64
N LYS B 126 -8.95 -12.74 -9.86
CA LYS B 126 -9.87 -13.82 -10.22
C LYS B 126 -9.15 -15.15 -9.99
N PRO B 127 -9.90 -16.25 -9.81
CA PRO B 127 -9.26 -17.52 -9.45
C PRO B 127 -8.21 -17.99 -10.46
N LYS B 128 -8.39 -17.65 -11.73
CA LYS B 128 -7.41 -17.96 -12.77
C LYS B 128 -6.09 -17.26 -12.49
N PHE B 129 -6.17 -15.99 -12.10
CA PHE B 129 -4.99 -15.19 -11.81
C PHE B 129 -5.11 -14.57 -10.42
N PRO B 130 -4.92 -15.38 -9.37
CA PRO B 130 -5.18 -14.92 -8.00
C PRO B 130 -4.09 -13.98 -7.51
N THR B 131 -4.43 -13.14 -6.54
CA THR B 131 -3.44 -12.30 -5.87
C THR B 131 -2.64 -13.16 -4.92
N PRO B 132 -1.31 -13.15 -5.03
CA PRO B 132 -0.47 -13.97 -4.16
C PRO B 132 -0.57 -13.53 -2.71
N ARG B 133 -0.74 -14.50 -1.82
CA ARG B 133 -0.94 -14.21 -0.40
C ARG B 133 0.38 -14.17 0.35
N GLY B 134 0.43 -13.39 1.43
CA GLY B 134 1.63 -13.27 2.22
C GLY B 134 1.86 -11.87 2.76
N THR B 135 3.06 -11.65 3.30
CA THR B 135 3.44 -10.35 3.85
C THR B 135 4.42 -9.65 2.92
N PHE B 136 4.02 -8.48 2.41
CA PHE B 136 4.84 -7.79 1.43
C PHE B 136 5.22 -6.37 1.87
N THR B 137 5.97 -5.70 1.00
CA THR B 137 6.47 -4.36 1.27
C THR B 137 6.18 -3.47 0.06
N ALA B 138 5.65 -2.27 0.32
CA ALA B 138 5.51 -1.30 -0.76
C ALA B 138 6.88 -1.03 -1.36
N LEU B 139 7.08 -1.52 -2.58
CA LEU B 139 8.40 -1.53 -3.21
C LEU B 139 8.69 -0.25 -3.97
N ALA B 140 7.64 0.35 -4.54
CA ALA B 140 7.80 1.57 -5.32
C ALA B 140 6.48 2.29 -5.45
N LYS B 141 6.55 3.56 -5.87
CA LYS B 141 5.35 4.35 -6.12
C LYS B 141 5.48 5.01 -7.49
N GLU B 142 4.51 4.72 -8.36
CA GLU B 142 4.52 5.29 -9.69
C GLU B 142 3.17 5.93 -9.98
N PRO B 143 3.20 7.23 -10.30
CA PRO B 143 1.99 8.00 -10.64
C PRO B 143 1.25 7.32 -11.78
N VAL B 144 1.98 6.89 -12.80
CA VAL B 144 1.42 6.08 -13.87
C VAL B 144 2.35 4.92 -14.21
N VAL B 145 1.76 3.77 -14.48
CA VAL B 145 2.50 2.61 -14.96
C VAL B 145 1.62 1.87 -15.96
N VAL B 146 2.23 1.22 -16.94
CA VAL B 146 1.48 0.45 -17.91
C VAL B 146 1.42 -1.02 -17.49
N MSE B 147 0.21 -1.50 -17.26
CA MSE B 147 -0.02 -2.91 -16.97
C MSE B 147 -0.09 -3.68 -18.28
O MSE B 147 -0.92 -3.37 -19.15
CB MSE B 147 -1.33 -3.11 -16.20
CG MSE B 147 -1.46 -2.31 -14.91
SE MSE B 147 -0.08 -2.68 -13.58
CE MSE B 147 -0.19 -4.62 -13.57
N ASP B 148 0.77 -4.67 -18.44
CA ASP B 148 0.84 -5.45 -19.68
C ASP B 148 0.46 -6.91 -19.44
N SER B 149 -0.58 -7.38 -20.11
CA SER B 149 -1.10 -8.74 -19.90
C SER B 149 -0.10 -9.83 -20.27
N ARG B 150 0.97 -9.46 -20.96
CA ARG B 150 1.99 -10.42 -21.35
C ARG B 150 2.89 -10.80 -20.16
N THR B 151 2.80 -10.02 -19.09
CA THR B 151 3.48 -10.33 -17.84
C THR B 151 2.96 -11.66 -17.28
N ILE B 152 1.68 -11.94 -17.52
CA ILE B 152 1.07 -13.18 -17.06
C ILE B 152 0.68 -14.12 -18.20
N GLY B 153 1.33 -13.95 -19.35
CA GLY B 153 1.17 -14.88 -20.46
C GLY B 153 -0.12 -14.74 -21.26
N ILE B 154 -0.66 -13.54 -21.35
CA ILE B 154 -1.81 -13.29 -22.20
C ILE B 154 -1.42 -12.35 -23.34
N PRO B 155 -1.45 -12.85 -24.58
CA PRO B 155 -1.11 -12.04 -25.76
C PRO B 155 -2.16 -10.96 -25.99
N LEU B 156 -1.77 -9.84 -26.57
CA LEU B 156 -2.67 -8.71 -26.79
C LEU B 156 -3.79 -9.03 -27.78
N SER B 157 -3.61 -10.10 -28.54
CA SER B 157 -4.59 -10.53 -29.54
C SER B 157 -5.72 -11.36 -28.91
N ASP B 158 -5.52 -11.77 -27.66
CA ASP B 158 -6.52 -12.52 -26.91
C ASP B 158 -7.56 -11.56 -26.35
N PRO B 159 -8.84 -11.98 -26.35
CA PRO B 159 -9.91 -11.14 -25.79
C PRO B 159 -9.68 -10.78 -24.33
N GLU B 160 -8.88 -11.56 -23.63
CA GLU B 160 -8.59 -11.28 -22.22
C GLU B 160 -7.25 -10.56 -22.04
N GLY B 161 -6.59 -10.25 -23.15
CA GLY B 161 -5.37 -9.48 -23.11
C GLY B 161 -5.64 -8.02 -22.81
N TYR B 162 -4.62 -7.31 -22.33
CA TYR B 162 -4.77 -5.89 -22.03
C TYR B 162 -3.43 -5.17 -22.03
N LYS B 163 -3.47 -3.88 -22.33
CA LYS B 163 -2.31 -3.01 -22.17
C LYS B 163 -2.84 -1.60 -21.93
N LEU B 164 -2.72 -1.14 -20.70
CA LEU B 164 -3.33 0.13 -20.31
C LEU B 164 -2.53 0.85 -19.23
N THR B 165 -2.73 2.16 -19.15
CA THR B 165 -2.09 2.97 -18.13
C THR B 165 -2.99 3.05 -16.89
N VAL B 166 -2.42 2.75 -15.73
CA VAL B 166 -3.15 2.88 -14.48
C VAL B 166 -2.53 3.96 -13.61
N ASN B 167 -3.37 4.65 -12.84
CA ASN B 167 -2.92 5.75 -11.99
C ASN B 167 -2.62 5.29 -10.57
N HIS B 168 -1.75 6.03 -9.90
CA HIS B 168 -1.48 5.85 -8.47
C HIS B 168 -1.13 4.41 -8.09
N ALA B 169 -0.09 3.89 -8.73
CA ALA B 169 0.30 2.49 -8.55
C ALA B 169 1.34 2.30 -7.45
N VAL B 170 1.09 1.35 -6.57
CA VAL B 170 2.04 0.99 -5.52
C VAL B 170 2.49 -0.45 -5.74
N ARG B 171 3.76 -0.64 -6.05
CA ARG B 171 4.29 -1.97 -6.33
C ARG B 171 4.34 -2.84 -5.08
N VAL B 172 3.76 -4.03 -5.15
CA VAL B 172 3.70 -4.95 -4.03
C VAL B 172 4.76 -6.06 -4.19
N THR B 173 4.88 -6.57 -5.41
CA THR B 173 5.87 -7.60 -5.71
C THR B 173 6.68 -7.24 -6.95
N TRP B 174 7.86 -7.84 -7.10
CA TRP B 174 8.63 -7.65 -8.32
C TRP B 174 8.06 -8.49 -9.46
N GLY B 175 7.12 -9.36 -9.13
CA GLY B 175 6.41 -10.15 -10.12
C GLY B 175 5.45 -9.31 -10.93
N GLY B 176 4.97 -8.21 -10.34
CA GLY B 176 4.07 -7.31 -11.05
C GLY B 176 2.74 -7.07 -10.37
N VAL B 177 2.63 -7.40 -9.09
CA VAL B 177 1.42 -7.09 -8.34
C VAL B 177 1.45 -5.64 -7.88
N TYR B 178 0.35 -4.93 -8.09
CA TYR B 178 0.26 -3.53 -7.72
C TYR B 178 -1.02 -3.24 -6.97
N VAL B 179 -1.01 -2.18 -6.17
CA VAL B 179 -2.23 -1.52 -5.73
C VAL B 179 -2.40 -0.33 -6.66
N HIS B 180 -3.55 -0.22 -7.33
CA HIS B 180 -3.74 0.87 -8.29
C HIS B 180 -5.20 1.28 -8.49
N SER B 181 -5.39 2.40 -9.17
CA SER B 181 -6.73 2.86 -9.52
C SER B 181 -7.31 1.99 -10.62
N ALA B 182 -8.52 1.50 -10.40
CA ALA B 182 -9.19 0.67 -11.39
C ALA B 182 -10.67 1.05 -11.54
N PRO B 183 -10.95 2.09 -12.34
CA PRO B 183 -12.32 2.53 -12.61
C PRO B 183 -13.14 1.39 -13.21
N TRP B 184 -12.48 0.57 -14.03
CA TRP B 184 -13.14 -0.52 -14.74
CA TRP B 184 -13.16 -0.51 -14.73
C TRP B 184 -13.84 -1.51 -13.80
N SER B 185 -13.33 -1.64 -12.58
CA SER B 185 -13.87 -2.62 -11.64
C SER B 185 -14.53 -2.05 -10.39
N VAL B 186 -14.88 -0.76 -10.43
CA VAL B 186 -15.55 -0.10 -9.30
C VAL B 186 -16.81 -0.85 -8.88
N GLY B 187 -17.57 -1.32 -9.88
CA GLY B 187 -18.80 -2.04 -9.62
C GLY B 187 -18.60 -3.40 -8.95
N SER B 188 -17.38 -3.92 -9.04
CA SER B 188 -17.08 -5.23 -8.47
C SER B 188 -16.36 -5.14 -7.13
N GLN B 189 -15.76 -3.98 -6.85
CA GLN B 189 -15.00 -3.78 -5.62
C GLN B 189 -15.86 -3.88 -4.37
N GLY B 190 -15.50 -4.79 -3.48
CA GLY B 190 -16.27 -5.01 -2.26
C GLY B 190 -17.25 -6.16 -2.39
N TYR B 191 -17.35 -6.71 -3.60
CA TYR B 191 -18.28 -7.81 -3.86
C TYR B 191 -17.57 -9.03 -4.44
N ALA B 192 -16.85 -8.84 -5.54
CA ALA B 192 -16.17 -9.94 -6.21
C ALA B 192 -14.76 -9.59 -6.65
N ASN B 193 -13.94 -10.63 -6.81
CA ASN B 193 -12.57 -10.47 -7.29
C ASN B 193 -12.47 -10.67 -8.80
N VAL B 194 -12.28 -9.58 -9.53
CA VAL B 194 -12.32 -9.61 -10.99
C VAL B 194 -11.01 -9.18 -11.65
N SER B 195 -9.96 -9.00 -10.85
CA SER B 195 -8.69 -8.51 -11.36
C SER B 195 -7.82 -9.64 -11.90
N HIS B 196 -6.64 -9.29 -12.41
CA HIS B 196 -5.69 -10.27 -12.89
C HIS B 196 -4.54 -10.48 -11.90
N GLY B 197 -4.76 -10.07 -10.65
CA GLY B 197 -3.76 -10.26 -9.62
C GLY B 197 -3.53 -9.02 -8.77
N CYS B 198 -3.70 -7.85 -9.39
CA CYS B 198 -3.51 -6.59 -8.67
C CYS B 198 -4.60 -6.35 -7.64
N ILE B 199 -4.33 -5.42 -6.73
CA ILE B 199 -5.34 -4.98 -5.76
C ILE B 199 -6.05 -3.76 -6.32
N ASN B 200 -7.29 -3.95 -6.76
CA ASN B 200 -8.06 -2.89 -7.41
C ASN B 200 -8.81 -2.00 -6.42
N LEU B 201 -8.56 -0.70 -6.49
CA LEU B 201 -9.28 0.29 -5.69
C LEU B 201 -9.96 1.29 -6.59
N SER B 202 -10.92 2.03 -6.03
CA SER B 202 -11.51 3.16 -6.72
C SER B 202 -10.46 4.25 -6.87
N PRO B 203 -10.65 5.17 -7.82
CA PRO B 203 -9.71 6.28 -8.04
C PRO B 203 -9.46 7.15 -6.80
N ASP B 204 -10.51 7.43 -6.02
CA ASP B 204 -10.34 8.26 -4.83
CA ASP B 204 -10.35 8.26 -4.83
C ASP B 204 -9.60 7.51 -3.72
N ASN B 205 -9.89 6.22 -3.59
CA ASN B 205 -9.24 5.39 -2.57
C ASN B 205 -7.78 5.09 -2.92
N ALA B 206 -7.52 4.85 -4.20
CA ALA B 206 -6.16 4.61 -4.67
C ALA B 206 -5.29 5.85 -4.54
N ALA B 207 -5.87 7.01 -4.82
CA ALA B 207 -5.18 8.29 -4.66
C ALA B 207 -4.91 8.58 -3.19
N TRP B 208 -5.88 8.28 -2.33
CA TRP B 208 -5.73 8.45 -0.90
C TRP B 208 -4.60 7.58 -0.37
N TYR B 209 -4.65 6.30 -0.72
CA TYR B 209 -3.63 5.36 -0.26
C TYR B 209 -2.24 5.70 -0.81
N TYR B 210 -2.20 6.16 -2.06
CA TYR B 210 -0.93 6.49 -2.70
C TYR B 210 -0.23 7.63 -1.98
N ASP B 211 -0.99 8.68 -1.66
CA ASP B 211 -0.42 9.90 -1.07
C ASP B 211 0.05 9.70 0.37
N MSE B 212 -0.47 8.67 1.04
CA MSE B 212 -0.12 8.45 2.44
CA MSE B 212 -0.15 8.42 2.44
C MSE B 212 0.84 7.28 2.64
O MSE B 212 1.49 7.19 3.68
CB MSE B 212 -1.37 8.29 3.28
CB MSE B 212 -1.42 8.10 3.23
CG MSE B 212 -2.23 7.10 2.92
CG MSE B 212 -2.24 9.31 3.63
SE MSE B 212 -1.75 5.52 3.91
SE MSE B 212 -2.99 9.05 5.41
CE MSE B 212 -2.24 6.16 5.68
CE MSE B 212 -4.26 10.53 5.46
N VAL B 213 0.96 6.40 1.65
CA VAL B 213 1.89 5.27 1.75
C VAL B 213 3.32 5.71 1.46
N SER B 214 4.30 4.95 1.96
CA SER B 214 5.70 5.22 1.68
C SER B 214 6.38 3.90 1.32
N VAL B 215 7.46 3.99 0.53
CA VAL B 215 8.25 2.80 0.21
C VAL B 215 8.78 2.18 1.49
N GLY B 216 8.41 0.92 1.73
CA GLY B 216 8.82 0.24 2.94
C GLY B 216 7.65 -0.05 3.87
N ASP B 217 6.51 0.60 3.61
CA ASP B 217 5.31 0.31 4.39
C ASP B 217 4.85 -1.11 4.07
N PRO B 218 4.41 -1.84 5.11
CA PRO B 218 4.02 -3.24 4.94
C PRO B 218 2.67 -3.40 4.24
N ILE B 219 2.57 -4.39 3.36
CA ILE B 219 1.31 -4.74 2.73
C ILE B 219 1.07 -6.23 2.93
N ILE B 220 -0.05 -6.57 3.56
CA ILE B 220 -0.39 -7.97 3.80
C ILE B 220 -1.57 -8.41 2.93
N VAL B 221 -1.38 -9.50 2.19
CA VAL B 221 -2.47 -10.13 1.46
C VAL B 221 -2.80 -11.45 2.14
N GLN B 222 -4.07 -11.62 2.50
CA GLN B 222 -4.51 -12.80 3.23
C GLN B 222 -5.85 -13.30 2.71
N ALA B 223 -6.28 -14.46 3.20
CA ALA B 223 -7.55 -15.04 2.80
C ALA B 223 -8.72 -14.12 3.14
N THR C 7 17.26 -21.00 61.13
CA THR C 7 18.52 -20.29 60.91
C THR C 7 18.28 -18.92 60.26
N PRO C 8 18.69 -17.84 60.95
CA PRO C 8 18.45 -16.44 60.56
C PRO C 8 19.02 -16.07 59.19
N VAL C 9 18.65 -14.89 58.70
CA VAL C 9 19.07 -14.42 57.38
C VAL C 9 19.60 -12.99 57.45
N GLU C 10 20.58 -12.67 56.63
CA GLU C 10 21.19 -11.34 56.64
C GLU C 10 20.55 -10.37 55.66
N VAL C 11 20.47 -9.10 56.06
CA VAL C 11 19.94 -8.04 55.20
C VAL C 11 21.06 -7.51 54.32
N ALA C 12 20.86 -7.59 53.00
CA ALA C 12 21.89 -7.18 52.05
C ALA C 12 21.75 -5.74 51.59
N GLN C 13 20.53 -5.33 51.27
CA GLN C 13 20.30 -4.01 50.68
C GLN C 13 18.90 -3.48 50.94
N VAL C 14 18.79 -2.18 51.22
CA VAL C 14 17.50 -1.55 51.45
C VAL C 14 17.24 -0.46 50.42
N GLU C 15 16.00 -0.38 49.93
CA GLU C 15 15.57 0.70 49.04
C GLU C 15 14.33 1.39 49.62
N PRO C 16 14.28 2.72 49.51
CA PRO C 16 15.27 3.62 48.90
C PRO C 16 16.57 3.69 49.68
N ALA C 17 17.68 3.86 48.96
CA ALA C 17 19.01 3.92 49.56
C ALA C 17 19.11 5.00 50.64
N ALA C 18 20.08 4.84 51.54
CA ALA C 18 20.31 5.82 52.60
C ALA C 18 20.63 7.18 52.01
N GLY C 19 19.80 8.18 52.32
CA GLY C 19 20.03 9.53 51.84
C GLY C 19 19.26 9.90 50.59
N ALA C 20 18.64 8.91 49.96
CA ALA C 20 17.88 9.13 48.72
C ALA C 20 16.65 10.00 48.95
N VAL C 21 16.15 10.61 47.88
CA VAL C 21 14.94 11.43 47.93
C VAL C 21 13.92 10.89 46.94
N VAL C 22 12.76 10.47 47.43
CA VAL C 22 11.78 9.78 46.59
C VAL C 22 10.38 10.37 46.70
N GLY C 23 9.46 9.84 45.90
CA GLY C 23 8.06 10.24 45.95
C GLY C 23 7.31 9.66 47.14
N VAL C 24 6.17 10.26 47.46
CA VAL C 24 5.43 9.93 48.68
C VAL C 24 4.72 8.58 48.66
N ALA C 25 4.79 7.88 47.53
CA ALA C 25 4.16 6.57 47.42
C ALA C 25 5.19 5.49 47.18
N HIS C 26 6.47 5.82 47.37
CA HIS C 26 7.54 4.87 47.16
C HIS C 26 7.56 3.77 48.22
N PRO C 27 7.50 2.51 47.79
CA PRO C 27 7.52 1.37 48.71
C PRO C 27 8.91 1.14 49.28
N VAL C 28 9.00 0.36 50.36
CA VAL C 28 10.28 -0.06 50.90
C VAL C 28 10.56 -1.48 50.42
N THR C 29 11.72 -1.69 49.82
CA THR C 29 12.14 -3.04 49.44
C THR C 29 13.40 -3.43 50.18
N VAL C 30 13.37 -4.61 50.81
CA VAL C 30 14.53 -5.16 51.49
C VAL C 30 15.02 -6.40 50.74
N ARG C 31 16.30 -6.40 50.37
CA ARG C 31 16.91 -7.56 49.74
C ARG C 31 17.78 -8.31 50.73
N PHE C 32 17.60 -9.63 50.80
CA PHE C 32 18.38 -10.44 51.73
C PHE C 32 19.51 -11.18 51.03
N ALA C 33 20.54 -11.55 51.79
CA ALA C 33 21.72 -12.21 51.24
C ALA C 33 21.37 -13.51 50.51
N GLU C 34 20.57 -14.35 51.16
CA GLU C 34 20.10 -15.59 50.58
C GLU C 34 18.57 -15.56 50.58
N PRO C 35 17.93 -16.32 49.66
CA PRO C 35 16.46 -16.38 49.60
C PRO C 35 15.83 -16.69 50.96
N VAL C 36 14.67 -16.10 51.23
CA VAL C 36 14.03 -16.21 52.53
C VAL C 36 13.11 -17.42 52.64
N THR C 37 13.22 -18.14 53.77
CA THR C 37 12.32 -19.25 54.07
C THR C 37 11.14 -18.77 54.92
N ASP C 38 11.42 -18.34 56.14
CA ASP C 38 10.38 -17.83 57.03
C ASP C 38 10.06 -16.38 56.69
N ARG C 39 9.20 -16.19 55.71
CA ARG C 39 8.81 -14.85 55.26
C ARG C 39 8.11 -14.05 56.35
N ARG C 40 7.27 -14.73 57.14
CA ARG C 40 6.51 -14.05 58.19
CA ARG C 40 6.52 -14.04 58.18
C ARG C 40 7.44 -13.46 59.26
N SER C 41 8.60 -14.07 59.43
CA SER C 41 9.60 -13.58 60.37
C SER C 41 10.30 -12.36 59.80
N ALA C 42 10.61 -12.42 58.50
CA ALA C 42 11.25 -11.31 57.81
C ALA C 42 10.37 -10.06 57.87
N GLU C 43 9.07 -10.27 57.69
CA GLU C 43 8.11 -9.17 57.70
C GLU C 43 8.01 -8.49 59.07
N ARG C 44 8.16 -9.27 60.13
CA ARG C 44 8.11 -8.73 61.49
C ARG C 44 9.39 -7.98 61.84
N SER C 45 10.48 -8.32 61.17
CA SER C 45 11.78 -7.70 61.41
C SER C 45 11.87 -6.28 60.83
N LEU C 46 10.81 -5.83 60.18
CA LEU C 46 10.78 -4.48 59.62
C LEU C 46 10.11 -3.51 60.58
N ARG C 47 10.87 -2.51 61.02
CA ARG C 47 10.35 -1.52 61.95
C ARG C 47 10.48 -0.13 61.34
N ILE C 48 9.35 0.57 61.21
CA ILE C 48 9.35 1.91 60.65
C ILE C 48 8.83 2.92 61.68
N ALA C 49 9.65 3.94 61.94
CA ALA C 49 9.31 4.94 62.96
C ALA C 49 8.02 5.68 62.65
N SER C 50 7.18 5.81 63.68
CA SER C 50 5.93 6.56 63.61
C SER C 50 4.87 5.97 62.67
N THR C 51 5.10 4.77 62.16
CA THR C 51 4.09 4.05 61.38
C THR C 51 4.00 2.58 61.80
N ASP C 52 2.84 1.98 61.58
CA ASP C 52 2.64 0.56 61.87
C ASP C 52 2.59 -0.24 60.57
N THR C 53 3.42 -1.28 60.47
CA THR C 53 3.53 -2.07 59.25
C THR C 53 2.27 -2.86 58.92
N SER C 54 1.34 -2.92 59.88
CA SER C 54 0.05 -3.56 59.64
C SER C 54 -0.82 -2.64 58.79
N ALA C 55 -0.48 -1.35 58.78
CA ALA C 55 -1.18 -0.36 57.98
C ALA C 55 -0.58 -0.27 56.59
N GLY C 56 -0.09 -1.40 56.08
CA GLY C 56 0.45 -1.48 54.74
C GLY C 56 0.23 -2.86 54.18
N ARG C 57 1.02 -3.22 53.18
CA ARG C 57 0.90 -4.55 52.57
C ARG C 57 2.27 -5.10 52.19
N PHE C 58 2.53 -6.33 52.61
CA PHE C 58 3.79 -7.01 52.27
C PHE C 58 3.64 -7.81 50.98
N ARG C 59 4.70 -7.83 50.18
CA ARG C 59 4.74 -8.65 48.97
C ARG C 59 6.15 -9.21 48.78
N TRP C 60 6.26 -10.27 47.98
CA TRP C 60 7.56 -10.88 47.72
C TRP C 60 7.83 -11.01 46.23
N PRO C 61 8.39 -9.95 45.63
CA PRO C 61 8.72 -9.84 44.20
C PRO C 61 9.75 -10.87 43.79
N GLU C 62 10.72 -11.11 44.66
CA GLU C 62 11.72 -12.15 44.45
C GLU C 62 11.88 -12.95 45.73
N ALA C 63 12.49 -14.13 45.64
CA ALA C 63 12.66 -15.00 46.79
C ALA C 63 13.47 -14.33 47.90
N ALA C 64 14.42 -13.50 47.50
CA ALA C 64 15.31 -12.83 48.46
C ALA C 64 14.93 -11.35 48.66
N VAL C 65 13.92 -10.88 47.95
CA VAL C 65 13.50 -9.49 48.02
C VAL C 65 12.10 -9.33 48.58
N MSE C 66 11.98 -8.58 49.67
CA MSE C 66 10.65 -8.31 50.23
CA MSE C 66 10.69 -8.30 50.32
C MSE C 66 10.28 -6.86 50.04
O MSE C 66 11.13 -5.97 49.97
CB MSE C 66 10.56 -8.72 51.70
CB MSE C 66 10.85 -8.50 51.83
CG MSE C 66 11.03 -7.69 52.71
CG MSE C 66 9.60 -8.24 52.67
SE MSE C 66 10.48 -8.22 54.50
SE MSE C 66 9.89 -8.58 54.58
CE MSE C 66 11.24 -6.74 55.52
CE MSE C 66 11.00 -7.05 55.01
N GLU C 67 8.97 -6.60 49.92
CA GLU C 67 8.49 -5.27 49.63
C GLU C 67 7.32 -4.86 50.52
N TRP C 68 7.41 -3.66 51.09
CA TRP C 68 6.30 -3.13 51.88
C TRP C 68 5.76 -1.84 51.29
N THR C 69 4.44 -1.78 51.11
CA THR C 69 3.78 -0.61 50.56
C THR C 69 2.78 -0.04 51.56
N PRO C 70 2.95 1.23 51.95
CA PRO C 70 2.05 1.87 52.90
C PRO C 70 0.65 2.08 52.32
N ASP C 71 -0.37 1.99 53.16
CA ASP C 71 -1.75 2.19 52.71
C ASP C 71 -2.04 3.67 52.42
N GLU C 72 -1.29 4.54 53.08
CA GLU C 72 -1.35 5.97 52.79
C GLU C 72 -0.01 6.45 52.28
N PHE C 73 0.02 7.62 51.66
CA PHE C 73 1.27 8.21 51.21
C PHE C 73 2.15 8.57 52.40
N TRP C 74 3.46 8.52 52.20
CA TRP C 74 4.39 9.11 53.16
C TRP C 74 4.08 10.60 53.24
N PRO C 75 4.40 11.22 54.38
CA PRO C 75 4.31 12.69 54.40
C PRO C 75 5.40 13.26 53.51
N ALA C 76 5.11 14.32 52.77
CA ALA C 76 6.09 14.92 51.88
C ALA C 76 7.13 15.70 52.67
N HIS C 77 8.29 15.92 52.06
CA HIS C 77 9.37 16.70 52.66
C HIS C 77 9.74 16.18 54.03
N SER C 78 9.79 14.86 54.16
CA SER C 78 10.03 14.23 55.44
C SER C 78 11.21 13.27 55.38
N THR C 79 11.72 12.89 56.55
CA THR C 79 12.71 11.84 56.66
C THR C 79 12.04 10.61 57.25
N ILE C 80 12.18 9.49 56.57
CA ILE C 80 11.57 8.24 57.03
C ILE C 80 12.64 7.37 57.67
N SER C 81 12.43 7.03 58.94
CA SER C 81 13.40 6.21 59.67
C SER C 81 12.92 4.78 59.82
N LEU C 82 13.71 3.84 59.31
CA LEU C 82 13.35 2.43 59.41
C LEU C 82 14.54 1.54 59.76
N SER C 83 14.25 0.38 60.33
CA SER C 83 15.26 -0.63 60.62
C SER C 83 14.74 -2.00 60.25
N VAL C 84 15.54 -2.75 59.49
CA VAL C 84 15.17 -4.11 59.11
C VAL C 84 16.33 -5.07 59.39
N GLY C 85 16.07 -6.08 60.21
CA GLY C 85 17.09 -7.02 60.62
C GLY C 85 18.23 -6.31 61.33
N GLY C 86 17.90 -5.43 62.26
CA GLY C 86 18.89 -4.67 62.99
C GLY C 86 19.39 -3.45 62.24
N VAL C 87 19.71 -3.64 60.96
CA VAL C 87 20.23 -2.57 60.10
C VAL C 87 19.32 -1.34 60.08
N LYS C 88 19.84 -0.23 60.59
CA LYS C 88 19.09 1.02 60.59
C LYS C 88 19.49 1.90 59.40
N THR C 89 18.48 2.45 58.73
CA THR C 89 18.71 3.36 57.62
C THR C 89 17.58 4.37 57.53
N SER C 90 17.69 5.29 56.58
CA SER C 90 16.66 6.31 56.39
C SER C 90 16.70 6.85 54.98
N PHE C 91 15.58 7.40 54.54
CA PHE C 91 15.50 8.09 53.26
C PHE C 91 14.61 9.30 53.42
N ASN C 92 14.58 10.15 52.40
CA ASN C 92 13.76 11.35 52.46
C ASN C 92 12.69 11.33 51.38
N THR C 93 11.55 11.95 51.67
CA THR C 93 10.54 12.16 50.66
C THR C 93 10.65 13.57 50.09
N GLY C 94 10.35 13.72 48.80
CA GLY C 94 10.31 15.02 48.19
C GLY C 94 8.91 15.59 48.31
N ALA C 95 8.50 16.40 47.35
CA ALA C 95 7.14 16.93 47.34
C ALA C 95 6.15 15.84 46.96
N GLU C 96 4.91 15.99 47.41
CA GLU C 96 3.84 15.12 46.92
C GLU C 96 3.49 15.57 45.51
N VAL C 97 3.77 14.72 44.53
CA VAL C 97 3.43 15.03 43.15
C VAL C 97 2.38 14.06 42.65
N LEU C 98 1.12 14.48 42.71
CA LEU C 98 0.00 13.60 42.38
C LEU C 98 -0.52 13.79 40.96
N GLY C 99 -0.54 12.71 40.20
CA GLY C 99 -1.12 12.71 38.87
C GLY C 99 -2.44 11.96 38.91
N VAL C 100 -3.53 12.66 38.56
CA VAL C 100 -4.85 12.05 38.56
C VAL C 100 -5.44 11.98 37.16
N ALA C 101 -5.46 10.79 36.59
CA ALA C 101 -6.11 10.56 35.30
C ALA C 101 -7.60 10.37 35.51
N ASP C 102 -8.40 11.22 34.88
CA ASP C 102 -9.85 11.09 34.95
C ASP C 102 -10.40 10.62 33.61
N ILE C 103 -10.83 9.36 33.58
CA ILE C 103 -11.25 8.70 32.35
C ILE C 103 -12.46 9.39 31.69
N ASP C 104 -13.48 9.71 32.48
CA ASP C 104 -14.69 10.33 31.96
C ASP C 104 -14.49 11.77 31.48
N ALA C 105 -13.64 12.51 32.18
CA ALA C 105 -13.36 13.90 31.81
C ALA C 105 -12.24 14.02 30.80
N HIS C 106 -11.51 12.92 30.60
CA HIS C 106 -10.38 12.88 29.66
C HIS C 106 -9.33 13.90 30.03
N THR C 107 -9.01 13.98 31.32
CA THR C 107 -8.02 14.92 31.81
C THR C 107 -6.97 14.22 32.66
N PHE C 108 -5.77 14.78 32.68
CA PHE C 108 -4.71 14.31 33.57
C PHE C 108 -4.26 15.50 34.41
N THR C 109 -4.67 15.52 35.67
CA THR C 109 -4.42 16.65 36.56
C THR C 109 -3.25 16.40 37.50
N VAL C 110 -2.24 17.26 37.43
CA VAL C 110 -1.05 17.12 38.25
C VAL C 110 -0.96 18.24 39.30
N SER C 111 -0.75 17.85 40.54
CA SER C 111 -0.61 18.84 41.62
C SER C 111 0.60 18.54 42.50
N VAL C 112 1.21 19.60 43.03
CA VAL C 112 2.34 19.47 43.94
C VAL C 112 1.96 20.02 45.31
N ASP C 113 2.00 19.14 46.32
CA ASP C 113 1.65 19.52 47.69
C ASP C 113 0.27 20.17 47.80
N GLY C 114 -0.70 19.66 47.04
CA GLY C 114 -2.06 20.18 47.09
C GLY C 114 -2.34 21.35 46.18
N GLU C 115 -1.33 21.81 45.45
CA GLU C 115 -1.52 22.91 44.50
C GLU C 115 -1.61 22.40 43.08
N VAL C 116 -2.80 22.54 42.48
CA VAL C 116 -3.00 22.11 41.11
C VAL C 116 -2.18 22.96 40.14
N LEU C 117 -1.25 22.31 39.45
CA LEU C 117 -0.35 23.00 38.53
C LEU C 117 -0.90 22.97 37.10
N ARG C 118 -1.32 21.79 36.65
CA ARG C 118 -1.85 21.64 35.31
C ARG C 118 -3.02 20.67 35.24
N LYS C 119 -4.05 21.06 34.50
CA LYS C 119 -5.13 20.15 34.15
C LYS C 119 -5.03 19.89 32.66
N MSE C 120 -4.37 18.78 32.31
CA MSE C 120 -4.02 18.53 30.91
C MSE C 120 -4.98 17.60 30.21
O MSE C 120 -5.50 16.66 30.80
CB MSE C 120 -2.60 17.98 30.84
CG MSE C 120 -1.55 18.92 31.40
SE MSE C 120 0.14 18.02 31.69
CE MSE C 120 -0.38 16.93 33.21
N PRO C 121 -5.25 17.87 28.92
CA PRO C 121 -6.08 16.99 28.09
C PRO C 121 -5.40 15.64 27.94
N ALA C 122 -6.13 14.55 28.18
CA ALA C 122 -5.57 13.22 28.07
C ALA C 122 -6.53 12.27 27.38
N SER C 123 -6.00 11.17 26.85
CA SER C 123 -6.83 10.12 26.28
C SER C 123 -6.48 8.78 26.88
N MSE C 124 -7.41 8.20 27.63
CA MSE C 124 -7.20 6.91 28.25
C MSE C 124 -7.62 5.75 27.32
O MSE C 124 -7.87 5.97 26.15
CB MSE C 124 -7.91 6.83 29.61
CG MSE C 124 -7.06 7.30 30.79
SE MSE C 124 -6.28 9.09 30.58
CE MSE C 124 -7.86 10.17 30.91
N GLY C 125 -7.69 4.54 27.87
CA GLY C 125 -7.95 3.38 27.05
C GLY C 125 -9.33 3.30 26.44
N LYS C 126 -9.40 2.83 25.20
CA LYS C 126 -10.68 2.55 24.55
C LYS C 126 -11.39 1.43 25.32
N PRO C 127 -12.72 1.38 25.26
CA PRO C 127 -13.49 0.45 26.10
C PRO C 127 -13.04 -1.02 26.04
N LYS C 128 -12.51 -1.45 24.92
CA LYS C 128 -12.02 -2.83 24.77
C LYS C 128 -10.67 -3.01 25.45
N PHE C 129 -9.92 -1.91 25.60
CA PHE C 129 -8.62 -1.94 26.26
C PHE C 129 -8.52 -0.81 27.28
N PRO C 130 -9.34 -0.86 28.34
CA PRO C 130 -9.46 0.29 29.24
C PRO C 130 -8.23 0.47 30.12
N THR C 131 -8.00 1.70 30.55
CA THR C 131 -6.95 1.97 31.53
C THR C 131 -7.44 1.45 32.89
N PRO C 132 -6.62 0.64 33.55
CA PRO C 132 -7.01 0.08 34.85
C PRO C 132 -7.14 1.18 35.90
N ARG C 133 -8.21 1.14 36.68
CA ARG C 133 -8.48 2.16 37.67
C ARG C 133 -7.88 1.77 39.01
N GLY C 134 -7.45 2.77 39.79
CA GLY C 134 -6.86 2.53 41.09
C GLY C 134 -5.77 3.52 41.43
N THR C 135 -5.06 3.25 42.54
CA THR C 135 -4.00 4.11 43.02
C THR C 135 -2.64 3.48 42.73
N PHE C 136 -1.86 4.14 41.88
CA PHE C 136 -0.58 3.57 41.45
C PHE C 136 0.63 4.43 41.82
N THR C 137 1.80 3.94 41.45
CA THR C 137 3.06 4.60 41.74
C THR C 137 3.88 4.67 40.46
N ALA C 138 4.49 5.81 40.18
CA ALA C 138 5.43 5.91 39.08
C ALA C 138 6.58 4.94 39.33
N LEU C 139 6.65 3.89 38.53
CA LEU C 139 7.57 2.79 38.75
C LEU C 139 8.92 3.01 38.10
N ALA C 140 8.91 3.65 36.94
CA ALA C 140 10.15 3.90 36.19
C ALA C 140 9.97 5.09 35.26
N LYS C 141 11.10 5.63 34.81
CA LYS C 141 11.10 6.71 33.83
C LYS C 141 12.01 6.34 32.68
N GLU C 142 11.46 6.29 31.47
CA GLU C 142 12.22 5.91 30.28
C GLU C 142 12.03 6.96 29.19
N PRO C 143 13.14 7.58 28.76
CA PRO C 143 13.14 8.59 27.71
C PRO C 143 12.47 8.06 26.45
N VAL C 144 12.86 6.84 26.07
CA VAL C 144 12.19 6.12 24.99
C VAL C 144 11.90 4.69 25.41
N VAL C 145 10.77 4.17 24.95
CA VAL C 145 10.42 2.78 25.17
C VAL C 145 9.53 2.32 24.00
N VAL C 146 9.63 1.04 23.66
CA VAL C 146 8.83 0.49 22.57
C VAL C 146 7.54 -0.13 23.10
N MSE C 147 6.41 0.45 22.73
CA MSE C 147 5.11 -0.13 23.04
C MSE C 147 4.82 -1.23 22.03
O MSE C 147 4.86 -1.01 20.82
CB MSE C 147 4.02 0.93 22.96
CG MSE C 147 4.25 2.18 23.81
SE MSE C 147 4.45 1.84 25.70
CE MSE C 147 2.89 0.71 25.97
N ASP C 148 4.54 -2.43 22.53
CA ASP C 148 4.32 -3.60 21.67
C ASP C 148 2.92 -4.17 21.87
N SER C 149 2.12 -4.22 20.80
CA SER C 149 0.72 -4.63 20.89
C SER C 149 0.54 -6.09 21.29
N ARG C 150 1.63 -6.85 21.29
CA ARG C 150 1.58 -8.25 21.70
C ARG C 150 1.50 -8.40 23.22
N THR C 151 1.80 -7.31 23.92
CA THR C 151 1.62 -7.25 25.37
C THR C 151 0.15 -7.46 25.72
N ILE C 152 -0.74 -6.97 24.85
CA ILE C 152 -2.17 -7.09 25.07
C ILE C 152 -2.86 -8.03 24.08
N GLY C 153 -2.07 -8.88 23.42
CA GLY C 153 -2.62 -9.92 22.58
C GLY C 153 -3.06 -9.53 21.18
N ILE C 154 -2.44 -8.49 20.62
CA ILE C 154 -2.71 -8.12 19.24
C ILE C 154 -1.45 -8.33 18.41
N PRO C 155 -1.49 -9.30 17.47
CA PRO C 155 -0.34 -9.61 16.62
C PRO C 155 -0.06 -8.46 15.64
N LEU C 156 1.19 -8.32 15.24
CA LEU C 156 1.59 -7.20 14.37
C LEU C 156 0.93 -7.26 12.99
N SER C 157 0.43 -8.44 12.62
CA SER C 157 -0.23 -8.63 11.34
C SER C 157 -1.68 -8.12 11.34
N ASP C 158 -2.22 -7.92 12.53
CA ASP C 158 -3.57 -7.38 12.69
C ASP C 158 -3.57 -5.89 12.40
N PRO C 159 -4.63 -5.40 11.74
CA PRO C 159 -4.76 -3.96 11.44
C PRO C 159 -4.72 -3.10 12.69
N GLU C 160 -5.00 -3.68 13.86
CA GLU C 160 -5.00 -2.94 15.11
C GLU C 160 -3.75 -3.20 15.94
N GLY C 161 -2.80 -3.93 15.36
CA GLY C 161 -1.53 -4.16 16.02
C GLY C 161 -0.60 -2.97 15.88
N TYR C 162 0.43 -2.92 16.72
CA TYR C 162 1.37 -1.82 16.67
C TYR C 162 2.71 -2.17 17.31
N LYS C 163 3.77 -1.53 16.83
CA LYS C 163 5.07 -1.61 17.48
C LYS C 163 5.79 -0.31 17.18
N LEU C 164 5.83 0.58 18.17
CA LEU C 164 6.38 1.91 17.96
C LEU C 164 7.12 2.44 19.18
N THR C 165 8.02 3.37 18.94
CA THR C 165 8.77 4.01 20.01
C THR C 165 8.01 5.24 20.51
N VAL C 166 7.83 5.34 21.82
CA VAL C 166 7.19 6.52 22.41
C VAL C 166 8.18 7.28 23.31
N ASN C 167 8.01 8.59 23.37
CA ASN C 167 8.91 9.44 24.14
C ASN C 167 8.36 9.70 25.54
N HIS C 168 9.27 10.00 26.47
CA HIS C 168 8.91 10.49 27.79
C HIS C 168 7.88 9.61 28.51
N ALA C 169 8.20 8.33 28.64
CA ALA C 169 7.29 7.36 29.23
C ALA C 169 7.49 7.19 30.73
N VAL C 170 6.39 7.25 31.47
CA VAL C 170 6.41 6.98 32.89
C VAL C 170 5.60 5.71 33.18
N ARG C 171 6.27 4.68 33.68
CA ARG C 171 5.61 3.40 33.95
C ARG C 171 4.65 3.50 35.13
N VAL C 172 3.42 3.07 34.92
CA VAL C 172 2.38 3.12 35.95
C VAL C 172 2.17 1.74 36.56
N THR C 173 2.12 0.72 35.71
CA THR C 173 1.97 -0.66 36.16
C THR C 173 3.03 -1.55 35.54
N TRP C 174 3.31 -2.68 36.15
CA TRP C 174 4.22 -3.65 35.56
C TRP C 174 3.54 -4.41 34.42
N GLY C 175 2.22 -4.21 34.29
CA GLY C 175 1.47 -4.78 33.20
C GLY C 175 1.73 -4.10 31.87
N GLY C 176 2.20 -2.85 31.92
CA GLY C 176 2.54 -2.12 30.72
C GLY C 176 1.77 -0.84 30.50
N VAL C 177 1.08 -0.36 31.53
CA VAL C 177 0.42 0.94 31.44
C VAL C 177 1.46 2.04 31.63
N TYR C 178 1.45 3.03 30.72
CA TYR C 178 2.39 4.13 30.79
C TYR C 178 1.68 5.46 30.68
N VAL C 179 2.34 6.51 31.16
CA VAL C 179 2.03 7.87 30.75
C VAL C 179 3.11 8.22 29.73
N HIS C 180 2.72 8.61 28.51
CA HIS C 180 3.70 8.90 27.48
C HIS C 180 3.23 9.91 26.44
N SER C 181 4.15 10.35 25.60
CA SER C 181 3.83 11.24 24.49
C SER C 181 3.08 10.48 23.41
N ALA C 182 1.93 11.00 22.99
CA ALA C 182 1.16 10.38 21.92
C ALA C 182 0.69 11.42 20.91
N PRO C 183 1.57 11.78 19.97
CA PRO C 183 1.22 12.72 18.89
C PRO C 183 0.06 12.18 18.08
N TRP C 184 0.02 10.85 17.92
CA TRP C 184 -0.98 10.18 17.11
CA TRP C 184 -0.99 10.19 17.11
C TRP C 184 -2.42 10.50 17.55
N SER C 185 -2.60 10.83 18.83
CA SER C 185 -3.94 11.04 19.36
C SER C 185 -4.19 12.41 20.00
N VAL C 186 -3.40 13.41 19.61
CA VAL C 186 -3.58 14.77 20.10
C VAL C 186 -5.02 15.26 19.89
N GLY C 187 -5.58 14.93 18.73
CA GLY C 187 -6.91 15.37 18.35
C GLY C 187 -8.03 14.80 19.20
N SER C 188 -7.75 13.73 19.95
CA SER C 188 -8.76 13.08 20.77
CA SER C 188 -8.78 13.11 20.77
C SER C 188 -8.58 13.39 22.25
N GLN C 189 -7.39 13.87 22.62
CA GLN C 189 -7.08 14.16 24.01
C GLN C 189 -7.96 15.28 24.55
N GLY C 190 -8.70 14.98 25.62
CA GLY C 190 -9.62 15.94 26.19
C GLY C 190 -11.05 15.73 25.73
N TYR C 191 -11.23 14.85 24.75
CA TYR C 191 -12.55 14.59 24.20
C TYR C 191 -12.96 13.13 24.33
N ALA C 192 -12.12 12.23 23.83
CA ALA C 192 -12.43 10.80 23.86
C ALA C 192 -11.23 9.94 24.20
N ASN C 193 -11.49 8.74 24.71
CA ASN C 193 -10.45 7.77 25.04
C ASN C 193 -10.18 6.82 23.87
N VAL C 194 -9.00 6.92 23.27
CA VAL C 194 -8.69 6.18 22.05
C VAL C 194 -7.40 5.35 22.14
N SER C 195 -6.83 5.25 23.33
CA SER C 195 -5.58 4.51 23.51
C SER C 195 -5.87 3.03 23.77
N HIS C 196 -4.80 2.24 23.94
CA HIS C 196 -4.94 0.83 24.24
C HIS C 196 -4.70 0.55 25.73
N GLY C 197 -4.82 1.59 26.55
CA GLY C 197 -4.67 1.44 27.98
C GLY C 197 -3.79 2.50 28.61
N CYS C 198 -2.79 2.98 27.86
CA CYS C 198 -1.88 3.99 28.36
C CYS C 198 -2.55 5.33 28.55
N ILE C 199 -1.87 6.23 29.26
CA ILE C 199 -2.35 7.60 29.45
C ILE C 199 -1.70 8.49 28.40
N ASN C 200 -2.47 8.87 27.39
CA ASN C 200 -1.97 9.66 26.27
C ASN C 200 -1.92 11.16 26.54
N LEU C 201 -0.74 11.75 26.38
CA LEU C 201 -0.55 13.19 26.52
C LEU C 201 0.05 13.77 25.25
N SER C 202 -0.07 15.07 25.08
CA SER C 202 0.64 15.77 24.01
C SER C 202 2.14 15.72 24.31
N PRO C 203 2.98 15.88 23.28
CA PRO C 203 4.43 15.86 23.46
C PRO C 203 4.94 16.90 24.46
N ASP C 204 4.33 18.07 24.51
CA ASP C 204 4.76 19.12 25.44
CA ASP C 204 4.76 19.12 25.43
C ASP C 204 4.31 18.82 26.86
N ASN C 205 3.11 18.25 27.00
CA ASN C 205 2.60 17.90 28.32
C ASN C 205 3.30 16.68 28.90
N ALA C 206 3.61 15.71 28.05
CA ALA C 206 4.31 14.51 28.48
C ALA C 206 5.75 14.83 28.89
N ALA C 207 6.39 15.74 28.15
CA ALA C 207 7.74 16.18 28.49
C ALA C 207 7.74 16.96 29.80
N TRP C 208 6.73 17.80 29.98
CA TRP C 208 6.59 18.57 31.23
C TRP C 208 6.43 17.65 32.42
N TYR C 209 5.49 16.71 32.31
CA TYR C 209 5.23 15.76 33.39
C TYR C 209 6.43 14.87 33.66
N TYR C 210 7.16 14.51 32.61
CA TYR C 210 8.31 13.62 32.74
C TYR C 210 9.44 14.26 33.52
N ASP C 211 9.70 15.54 33.27
CA ASP C 211 10.81 16.23 33.89
C ASP C 211 10.55 16.59 35.35
N MSE C 212 9.27 16.59 35.74
CA MSE C 212 8.94 16.96 37.11
CA MSE C 212 8.88 16.97 37.09
C MSE C 212 8.53 15.77 37.98
O MSE C 212 8.53 15.87 39.20
CB MSE C 212 7.85 18.05 37.11
CB MSE C 212 7.68 17.92 37.05
CG MSE C 212 6.54 17.63 36.50
CG MSE C 212 8.02 19.36 36.75
SE MSE C 212 5.34 16.89 37.82
SE MSE C 212 6.94 20.57 37.83
CE MSE C 212 5.21 18.48 38.95
CE MSE C 212 7.34 22.25 36.92
N VAL C 213 8.20 14.64 37.35
CA VAL C 213 7.83 13.45 38.12
C VAL C 213 9.08 12.70 38.59
N SER C 214 8.94 11.96 39.69
CA SER C 214 10.01 11.13 40.21
C SER C 214 9.48 9.73 40.47
N VAL C 215 10.37 8.74 40.43
CA VAL C 215 9.98 7.37 40.77
C VAL C 215 9.46 7.30 42.20
N GLY C 216 8.20 6.91 42.36
CA GLY C 216 7.59 6.88 43.68
C GLY C 216 6.45 7.86 43.81
N ASP C 217 6.34 8.80 42.88
CA ASP C 217 5.24 9.75 42.88
C ASP C 217 3.95 9.00 42.57
N PRO C 218 2.86 9.35 43.29
CA PRO C 218 1.58 8.66 43.12
C PRO C 218 0.86 9.03 41.83
N ILE C 219 0.25 8.03 41.20
CA ILE C 219 -0.59 8.23 40.02
C ILE C 219 -1.93 7.57 40.28
N ILE C 220 -3.00 8.35 40.26
CA ILE C 220 -4.33 7.81 40.48
C ILE C 220 -5.13 7.79 39.18
N VAL C 221 -5.68 6.62 38.83
CA VAL C 221 -6.60 6.50 37.72
C VAL C 221 -8.00 6.25 38.26
N GLN C 222 -8.95 7.07 37.85
CA GLN C 222 -10.30 7.01 38.39
C GLN C 222 -11.34 7.23 37.31
N ALA C 223 -12.61 7.07 37.66
CA ALA C 223 -13.71 7.25 36.72
C ALA C 223 -13.73 8.67 36.15
P PO4 D . -22.35 -9.19 -46.77
O1 PO4 D . -23.25 -10.20 -47.43
O2 PO4 D . -22.19 -7.97 -47.65
O3 PO4 D . -20.99 -9.80 -46.56
O4 PO4 D . -22.95 -8.78 -45.46
P PO4 E . -26.09 -4.40 -63.53
O1 PO4 E . -25.54 -4.38 -64.93
O2 PO4 E . -26.96 -3.18 -63.31
O3 PO4 E . -26.91 -5.65 -63.34
O4 PO4 E . -24.95 -4.39 -62.55
P PO4 F . -5.10 -6.14 -12.90
O1 PO4 F . -6.28 -6.51 -13.77
O2 PO4 F . -3.86 -5.95 -13.76
O3 PO4 F . -4.83 -7.27 -11.93
O4 PO4 F . -5.41 -4.87 -12.17
P PO4 G . -1.42 3.01 24.05
O1 PO4 G . -2.10 3.07 22.72
O2 PO4 G . -0.42 1.87 24.10
O3 PO4 G . -2.44 2.80 25.13
O4 PO4 G . -0.69 4.32 24.26
#